data_3RWB
#
_entry.id   3RWB
#
_cell.length_a   85.537
_cell.length_b   50.211
_cell.length_c   94.266
_cell.angle_alpha   90.00
_cell.angle_beta   90.47
_cell.angle_gamma   90.00
#
_symmetry.space_group_name_H-M   'P 1 21 1'
#
loop_
_entity.id
_entity.type
_entity.pdbx_description
1 polymer 'Pyridoxal 4-dehydrogenase'
2 non-polymer NICOTINAMIDE-ADENINE-DINUCLEOTIDE
3 non-polymer 7-hydroxy-6-methylfuro[3,4-c]pyridin-1(3H)-one
4 non-polymer GLYCEROL
5 water water
#
_entity_poly.entity_id   1
_entity_poly.type   'polypeptide(L)'
_entity_poly.pdbx_seq_one_letter_code
;TERLAGKTALVTGAAQGIGKAIAARLAADGATVIVSDINAEGAKAAAASIGKKARAIAADISDPGSVKALFAEIQALTGG
IDILVNNASIVPFVAWDDVDLDHWRKIIDVNLTGTFIVTRAGTDQMRAAGKAGRVISIASNTFFAGTPNMAAYVAAKGGV
IGFTRALATELGKYNITANAVTPGLIESDGVKASPHNEAFGFVEMLQAMKGKGQPEHIADVVSFLASDDARWITGQTLNV
DAGMVRH
;
_entity_poly.pdbx_strand_id   A,B,C,D
#
# COMPACT_ATOMS: atom_id res chain seq x y z
N THR A 1 29.77 -14.15 -8.99
CA THR A 1 30.14 -14.44 -7.61
C THR A 1 31.10 -13.39 -7.04
N GLU A 2 31.40 -12.37 -7.84
CA GLU A 2 32.24 -11.28 -7.39
C GLU A 2 31.72 -9.92 -7.86
N ARG A 3 30.41 -9.78 -7.96
CA ARG A 3 29.81 -8.56 -8.50
C ARG A 3 30.09 -7.34 -7.62
N LEU A 4 30.42 -7.55 -6.35
CA LEU A 4 30.73 -6.44 -5.45
C LEU A 4 32.23 -6.21 -5.26
N ALA A 5 33.05 -6.83 -6.11
CA ALA A 5 34.48 -6.57 -6.05
C ALA A 5 34.75 -5.07 -6.15
N GLY A 6 35.58 -4.56 -5.26
CA GLY A 6 35.96 -3.16 -5.29
C GLY A 6 35.04 -2.26 -4.50
N LYS A 7 33.92 -2.80 -4.02
CA LYS A 7 32.97 -2.02 -3.24
CA LYS A 7 32.96 -2.02 -3.24
C LYS A 7 33.17 -2.25 -1.75
N THR A 8 32.77 -1.27 -0.95
CA THR A 8 32.83 -1.37 0.50
C THR A 8 31.41 -1.25 1.06
N ALA A 9 31.03 -2.20 1.89
CA ALA A 9 29.70 -2.17 2.52
C ALA A 9 29.82 -2.14 4.04
N LEU A 10 29.00 -1.31 4.67
CA LEU A 10 28.90 -1.28 6.12
C LEU A 10 27.60 -1.96 6.53
N VAL A 11 27.68 -2.91 7.46
CA VAL A 11 26.47 -3.50 8.01
C VAL A 11 26.46 -3.27 9.51
N THR A 12 25.45 -2.58 10.03
CA THR A 12 25.34 -2.39 11.47
C THR A 12 24.62 -3.55 12.13
N GLY A 13 24.88 -3.76 13.42
CA GLY A 13 24.27 -4.87 14.15
C GLY A 13 24.66 -6.21 13.57
N ALA A 14 25.90 -6.32 13.09
CA ALA A 14 26.31 -7.51 12.34
C ALA A 14 27.04 -8.59 13.15
N ALA A 15 26.99 -8.50 14.47
CA ALA A 15 27.66 -9.49 15.32
C ALA A 15 26.94 -10.84 15.29
N GLN A 16 25.65 -10.81 15.00
CA GLN A 16 24.85 -12.03 15.00
C GLN A 16 23.60 -11.84 14.15
N GLY A 17 22.76 -12.88 14.10
CA GLY A 17 21.47 -12.79 13.46
C GLY A 17 21.49 -12.39 11.99
N ILE A 18 20.47 -11.65 11.60
CA ILE A 18 20.34 -11.20 10.21
C ILE A 18 21.55 -10.36 9.78
N GLY A 19 22.02 -9.51 10.68
CA GLY A 19 23.15 -8.66 10.36
C GLY A 19 24.38 -9.45 9.94
N LYS A 20 24.70 -10.49 10.71
CA LYS A 20 25.87 -11.29 10.36
C LYS A 20 25.66 -11.98 9.02
N ALA A 21 24.45 -12.50 8.79
CA ALA A 21 24.17 -13.20 7.54
C ALA A 21 24.29 -12.24 6.37
N ILE A 22 23.82 -11.02 6.55
CA ILE A 22 23.97 -10.02 5.50
C ILE A 22 25.45 -9.77 5.19
N ALA A 23 26.24 -9.53 6.25
CA ALA A 23 27.67 -9.29 6.11
C ALA A 23 28.35 -10.47 5.41
N ALA A 24 27.96 -11.68 5.79
CA ALA A 24 28.56 -12.86 5.20
C ALA A 24 28.29 -12.94 3.69
N ARG A 25 27.05 -12.67 3.29
CA ARG A 25 26.70 -12.73 1.88
C ARG A 25 27.38 -11.63 1.07
N LEU A 26 27.40 -10.41 1.58
CA LEU A 26 28.06 -9.33 0.86
C LEU A 26 29.55 -9.61 0.71
N ALA A 27 30.16 -10.23 1.71
CA ALA A 27 31.57 -10.61 1.59
C ALA A 27 31.75 -11.68 0.51
N ALA A 28 30.84 -12.64 0.47
CA ALA A 28 30.88 -13.68 -0.54
C ALA A 28 30.70 -13.06 -1.93
N ASP A 29 29.94 -11.97 -1.99
CA ASP A 29 29.73 -11.23 -3.24
C ASP A 29 30.98 -10.47 -3.65
N GLY A 30 31.99 -10.42 -2.78
CA GLY A 30 33.25 -9.79 -3.11
C GLY A 30 33.57 -8.44 -2.49
N ALA A 31 32.64 -7.91 -1.69
CA ALA A 31 32.82 -6.58 -1.11
C ALA A 31 33.76 -6.60 0.09
N THR A 32 34.40 -5.46 0.36
CA THR A 32 35.03 -5.26 1.65
C THR A 32 33.89 -4.94 2.58
N VAL A 33 33.74 -5.71 3.65
CA VAL A 33 32.59 -5.53 4.54
C VAL A 33 33.02 -5.07 5.91
N ILE A 34 32.45 -3.94 6.34
CA ILE A 34 32.64 -3.47 7.70
C ILE A 34 31.54 -4.05 8.56
N VAL A 35 31.93 -4.94 9.46
CA VAL A 35 31.04 -5.57 10.40
C VAL A 35 31.01 -4.70 11.64
N SER A 36 29.89 -4.02 11.86
CA SER A 36 29.81 -3.09 12.99
C SER A 36 28.71 -3.54 13.94
N ASP A 37 28.98 -3.43 15.24
CA ASP A 37 28.02 -3.81 16.25
C ASP A 37 28.40 -3.10 17.56
N ILE A 38 27.42 -2.88 18.42
CA ILE A 38 27.72 -2.31 19.74
C ILE A 38 28.45 -3.35 20.61
N ASN A 39 28.26 -4.62 20.28
CA ASN A 39 28.99 -5.72 20.91
C ASN A 39 30.34 -5.85 20.20
N ALA A 40 31.37 -5.29 20.81
CA ALA A 40 32.65 -5.11 20.14
C ALA A 40 33.33 -6.46 19.92
N GLU A 41 33.36 -7.27 20.96
CA GLU A 41 33.90 -8.62 20.88
C GLU A 41 33.16 -9.43 19.83
N GLY A 42 31.83 -9.31 19.83
CA GLY A 42 31.00 -10.00 18.88
C GLY A 42 31.26 -9.57 17.44
N ALA A 43 31.47 -8.27 17.23
CA ALA A 43 31.77 -7.76 15.89
C ALA A 43 33.08 -8.37 15.38
N LYS A 44 34.10 -8.34 16.23
CA LYS A 44 35.39 -8.94 15.89
C LYS A 44 35.24 -10.42 15.50
N ALA A 45 34.53 -11.18 16.33
CA ALA A 45 34.34 -12.60 16.10
C ALA A 45 33.63 -12.84 14.78
N ALA A 46 32.59 -12.05 14.49
CA ALA A 46 31.84 -12.27 13.25
C ALA A 46 32.65 -11.92 12.02
N ALA A 47 33.43 -10.84 12.09
CA ALA A 47 34.31 -10.48 10.98
C ALA A 47 35.35 -11.57 10.74
N ALA A 48 35.90 -12.12 11.83
CA ALA A 48 36.89 -13.19 11.69
C ALA A 48 36.26 -14.47 11.15
N SER A 49 34.99 -14.70 11.52
CA SER A 49 34.24 -15.87 11.07
C SER A 49 34.01 -15.81 9.56
N ILE A 50 33.68 -14.62 9.08
CA ILE A 50 33.44 -14.43 7.66
C ILE A 50 34.73 -14.50 6.84
N GLY A 51 35.82 -13.98 7.40
CA GLY A 51 37.07 -13.94 6.67
C GLY A 51 36.94 -13.03 5.46
N LYS A 52 37.52 -13.46 4.34
CA LYS A 52 37.43 -12.68 3.12
C LYS A 52 37.83 -11.25 3.41
N LYS A 53 37.08 -10.28 2.92
CA LYS A 53 37.47 -8.89 3.17
C LYS A 53 36.66 -8.23 4.29
N ALA A 54 36.33 -8.99 5.33
CA ALA A 54 35.56 -8.45 6.45
C ALA A 54 36.47 -7.85 7.53
N ARG A 55 36.05 -6.73 8.09
CA ARG A 55 36.78 -6.05 9.16
C ARG A 55 35.77 -5.56 10.17
N ALA A 56 36.10 -5.64 11.46
CA ALA A 56 35.17 -5.19 12.50
C ALA A 56 35.49 -3.78 13.02
N ILE A 57 34.44 -2.99 13.24
CA ILE A 57 34.57 -1.70 13.91
C ILE A 57 33.34 -1.52 14.79
N ALA A 58 33.54 -1.48 16.10
CA ALA A 58 32.42 -1.39 17.03
C ALA A 58 31.81 0.00 17.01
N ALA A 59 30.51 0.07 17.18
CA ALA A 59 29.82 1.36 17.26
C ALA A 59 28.45 1.18 17.89
N ASP A 60 27.98 2.22 18.55
CA ASP A 60 26.60 2.31 19.03
C ASP A 60 25.90 3.26 18.06
N ILE A 61 24.92 2.77 17.30
CA ILE A 61 24.35 3.59 16.23
C ILE A 61 23.59 4.79 16.77
N SER A 62 23.23 4.75 18.05
CA SER A 62 22.46 5.84 18.66
C SER A 62 23.37 6.95 19.21
N ASP A 63 24.68 6.75 19.15
CA ASP A 63 25.66 7.67 19.73
C ASP A 63 26.38 8.39 18.60
N PRO A 64 26.11 9.69 18.40
CA PRO A 64 26.67 10.35 17.22
C PRO A 64 28.20 10.38 17.22
N GLY A 65 28.80 10.48 18.39
CA GLY A 65 30.26 10.45 18.48
C GLY A 65 30.83 9.11 18.08
N SER A 66 30.14 8.04 18.51
CA SER A 66 30.53 6.68 18.17
C SER A 66 30.45 6.47 16.66
N VAL A 67 29.38 6.96 16.06
CA VAL A 67 29.19 6.81 14.62
C VAL A 67 30.22 7.65 13.85
N LYS A 68 30.53 8.83 14.36
CA LYS A 68 31.56 9.67 13.74
C LYS A 68 32.88 8.92 13.70
N ALA A 69 33.23 8.30 14.82
CA ALA A 69 34.47 7.52 14.92
C ALA A 69 34.44 6.32 13.96
N LEU A 70 33.30 5.63 13.92
CA LEU A 70 33.10 4.55 12.97
C LEU A 70 33.44 4.96 11.54
N PHE A 71 32.85 6.06 11.08
CA PHE A 71 33.05 6.45 9.69
C PHE A 71 34.45 6.99 9.40
N ALA A 72 35.07 7.62 10.40
CA ALA A 72 36.45 8.04 10.26
C ALA A 72 37.34 6.82 10.04
N GLU A 73 37.15 5.78 10.85
CA GLU A 73 37.96 4.59 10.69
C GLU A 73 37.69 3.91 9.35
N ILE A 74 36.43 3.87 8.94
CA ILE A 74 36.11 3.30 7.62
C ILE A 74 36.79 4.08 6.49
N GLN A 75 36.74 5.41 6.58
CA GLN A 75 37.34 6.24 5.55
C GLN A 75 38.83 5.95 5.47
N ALA A 76 39.47 5.81 6.63
CA ALA A 76 40.92 5.57 6.70
C ALA A 76 41.29 4.18 6.20
N LEU A 77 40.44 3.21 6.48
CA LEU A 77 40.72 1.83 6.09
C LEU A 77 40.38 1.51 4.64
N THR A 78 39.38 2.17 4.08
CA THR A 78 38.81 1.73 2.80
C THR A 78 38.59 2.85 1.78
N GLY A 79 38.60 4.09 2.23
CA GLY A 79 38.28 5.19 1.34
C GLY A 79 36.80 5.56 1.29
N GLY A 80 35.99 4.90 2.11
CA GLY A 80 34.57 5.24 2.22
C GLY A 80 33.63 4.17 1.70
N ILE A 81 32.40 4.13 2.22
CA ILE A 81 31.45 3.10 1.83
C ILE A 81 30.76 3.39 0.50
N ASP A 82 30.35 2.30 -0.16
CA ASP A 82 29.53 2.34 -1.35
C ASP A 82 28.10 1.92 -0.95
N ILE A 83 28.03 1.07 0.06
CA ILE A 83 26.79 0.42 0.46
C ILE A 83 26.59 0.51 1.97
N LEU A 84 25.41 0.95 2.39
CA LEU A 84 25.08 1.01 3.80
C LEU A 84 23.87 0.12 4.06
N VAL A 85 24.02 -0.80 5.01
CA VAL A 85 22.89 -1.62 5.44
C VAL A 85 22.57 -1.28 6.90
N ASN A 86 21.45 -0.60 7.12
CA ASN A 86 21.01 -0.26 8.46
C ASN A 86 20.24 -1.42 9.05
N ASN A 87 20.94 -2.26 9.81
CA ASN A 87 20.35 -3.46 10.36
C ASN A 87 20.16 -3.44 11.89
N ALA A 88 21.04 -2.73 12.60
CA ALA A 88 20.95 -2.70 14.06
C ALA A 88 19.60 -2.19 14.53
N SER A 89 19.06 -2.84 15.55
CA SER A 89 17.84 -2.38 16.23
C SER A 89 17.67 -3.24 17.47
N ILE A 90 16.87 -2.74 18.40
CA ILE A 90 16.39 -3.52 19.53
C ILE A 90 15.03 -4.13 19.13
N VAL A 91 14.85 -5.43 19.38
CA VAL A 91 13.60 -6.10 19.05
C VAL A 91 12.92 -6.52 20.35
N PRO A 92 11.99 -5.70 20.84
CA PRO A 92 11.40 -5.91 22.17
C PRO A 92 10.18 -6.83 22.13
N PHE A 93 9.82 -7.36 23.29
CA PHE A 93 8.53 -7.99 23.51
C PHE A 93 7.96 -7.34 24.75
N VAL A 94 7.01 -6.44 24.56
CA VAL A 94 6.48 -5.63 25.65
CA VAL A 94 6.49 -5.63 25.66
C VAL A 94 4.97 -5.46 25.55
N ALA A 95 4.26 -5.89 26.58
CA ALA A 95 2.80 -5.70 26.62
C ALA A 95 2.46 -4.21 26.53
N TRP A 96 1.34 -3.87 25.88
CA TRP A 96 0.99 -2.47 25.68
C TRP A 96 1.04 -1.69 27.00
N ASP A 97 0.49 -2.26 28.07
CA ASP A 97 0.43 -1.50 29.31
C ASP A 97 1.79 -1.33 29.99
N ASP A 98 2.80 -1.99 29.44
CA ASP A 98 4.19 -1.81 29.88
C ASP A 98 4.98 -0.89 28.96
N VAL A 99 4.33 -0.39 27.91
CA VAL A 99 4.98 0.58 27.04
C VAL A 99 4.86 1.95 27.67
N ASP A 100 5.90 2.35 28.40
CA ASP A 100 5.95 3.70 28.99
C ASP A 100 6.90 4.59 28.22
N LEU A 101 7.03 5.84 28.64
CA LEU A 101 7.82 6.80 27.90
C LEU A 101 9.30 6.41 27.85
N ASP A 102 9.83 5.83 28.93
CA ASP A 102 11.22 5.39 28.93
C ASP A 102 11.47 4.34 27.84
N HIS A 103 10.57 3.36 27.77
CA HIS A 103 10.68 2.31 26.77
C HIS A 103 10.56 2.88 25.37
N TRP A 104 9.51 3.67 25.16
CA TRP A 104 9.30 4.30 23.87
C TRP A 104 10.52 5.09 23.41
N ARG A 105 11.05 5.94 24.28
CA ARG A 105 12.20 6.76 23.91
C ARG A 105 13.39 5.92 23.49
N LYS A 106 13.63 4.82 24.20
CA LYS A 106 14.77 3.97 23.90
C LYS A 106 14.65 3.31 22.53
N ILE A 107 13.48 2.75 22.25
CA ILE A 107 13.25 2.07 20.98
C ILE A 107 13.33 3.05 19.81
N ILE A 108 12.73 4.23 19.96
CA ILE A 108 12.79 5.24 18.91
CA ILE A 108 12.79 5.24 18.91
C ILE A 108 14.23 5.73 18.73
N ASP A 109 14.91 5.96 19.84
CA ASP A 109 16.27 6.46 19.78
C ASP A 109 17.22 5.52 19.04
N VAL A 110 17.20 4.23 19.37
CA VAL A 110 18.10 3.31 18.70
C VAL A 110 17.60 2.99 17.29
N ASN A 111 16.35 2.55 17.19
CA ASN A 111 15.87 1.98 15.93
C ASN A 111 15.62 2.99 14.83
N LEU A 112 15.14 4.17 15.22
CA LEU A 112 14.81 5.18 14.24
C LEU A 112 15.89 6.24 14.20
N THR A 113 16.17 6.86 15.34
CA THR A 113 17.15 7.93 15.34
C THR A 113 18.55 7.41 15.04
N GLY A 114 18.88 6.23 15.55
CA GLY A 114 20.17 5.63 15.22
C GLY A 114 20.31 5.42 13.72
N THR A 115 19.21 5.02 13.08
CA THR A 115 19.21 4.84 11.64
C THR A 115 19.51 6.17 10.93
N PHE A 116 18.93 7.26 11.42
CA PHE A 116 19.27 8.57 10.86
C PHE A 116 20.73 8.92 11.08
N ILE A 117 21.22 8.78 12.30
CA ILE A 117 22.61 9.13 12.60
C ILE A 117 23.57 8.41 11.65
N VAL A 118 23.37 7.11 11.49
CA VAL A 118 24.25 6.34 10.62
C VAL A 118 24.08 6.73 9.16
N THR A 119 22.83 6.95 8.74
CA THR A 119 22.58 7.31 7.35
C THR A 119 23.10 8.70 7.00
N ARG A 120 22.93 9.65 7.91
CA ARG A 120 23.48 11.00 7.74
C ARG A 120 24.97 10.89 7.44
N ALA A 121 25.69 10.23 8.34
CA ALA A 121 27.15 10.13 8.20
C ALA A 121 27.56 9.28 6.99
N GLY A 122 26.86 8.18 6.77
CA GLY A 122 27.23 7.27 5.69
C GLY A 122 26.98 7.83 4.31
N THR A 123 25.84 8.48 4.11
CA THR A 123 25.55 9.05 2.81
C THR A 123 26.37 10.31 2.55
N ASP A 124 26.73 11.03 3.61
CA ASP A 124 27.66 12.14 3.46
C ASP A 124 29.00 11.60 2.99
N GLN A 125 29.42 10.47 3.55
CA GLN A 125 30.67 9.84 3.15
C GLN A 125 30.65 9.36 1.69
N MET A 126 29.54 8.76 1.27
CA MET A 126 29.34 8.40 -0.15
C MET A 126 29.52 9.60 -1.05
N ARG A 127 28.84 10.70 -0.70
CA ARG A 127 28.84 11.90 -1.54
C ARG A 127 30.22 12.54 -1.63
N ALA A 128 30.93 12.57 -0.51
CA ALA A 128 32.29 13.12 -0.48
C ALA A 128 33.20 12.44 -1.51
N ALA A 129 32.87 11.19 -1.83
CA ALA A 129 33.66 10.39 -2.77
C ALA A 129 33.09 10.37 -4.18
N GLY A 130 31.84 10.79 -4.32
CA GLY A 130 31.18 10.81 -5.62
C GLY A 130 30.62 9.46 -6.03
N LYS A 131 30.45 8.58 -5.06
CA LYS A 131 29.99 7.22 -5.34
C LYS A 131 28.49 7.12 -5.53
N ALA A 132 28.09 6.39 -6.56
N ALA A 132 28.05 6.33 -6.50
CA ALA A 132 26.77 5.84 -6.58
CA ALA A 132 26.63 6.08 -6.73
C ALA A 132 26.74 5.18 -5.21
C ALA A 132 26.12 4.93 -5.85
N GLY A 133 25.60 5.22 -4.56
N GLY A 133 26.00 5.19 -4.55
CA GLY A 133 25.52 4.68 -3.22
CA GLY A 133 25.83 4.15 -3.57
C GLY A 133 24.25 3.87 -3.08
C GLY A 133 24.44 3.59 -3.34
N ARG A 134 24.30 2.85 -2.24
CA ARG A 134 23.10 2.10 -1.92
C ARG A 134 22.84 2.21 -0.43
N VAL A 135 21.65 2.67 -0.07
CA VAL A 135 21.19 2.59 1.31
C VAL A 135 20.09 1.56 1.39
N ILE A 136 20.25 0.59 2.28
CA ILE A 136 19.27 -0.45 2.46
C ILE A 136 19.00 -0.53 3.94
N SER A 137 17.76 -0.28 4.36
CA SER A 137 17.43 -0.32 5.78
C SER A 137 16.50 -1.47 6.09
N ILE A 138 16.80 -2.19 7.17
CA ILE A 138 15.96 -3.30 7.57
C ILE A 138 14.83 -2.81 8.46
N ALA A 139 13.61 -2.89 7.96
CA ALA A 139 12.44 -2.46 8.73
C ALA A 139 11.82 -3.72 9.33
N SER A 140 10.52 -3.94 9.10
CA SER A 140 9.83 -5.12 9.67
C SER A 140 8.42 -5.24 9.10
N ASN A 141 7.96 -6.46 8.84
CA ASN A 141 6.61 -6.60 8.32
C ASN A 141 5.53 -6.36 9.38
N THR A 142 5.96 -6.16 10.63
CA THR A 142 5.03 -5.77 11.68
C THR A 142 4.37 -4.43 11.32
N PHE A 143 5.07 -3.62 10.51
CA PHE A 143 4.49 -2.36 10.06
C PHE A 143 3.21 -2.59 9.25
N PHE A 144 3.16 -3.69 8.51
CA PHE A 144 1.98 -4.03 7.72
C PHE A 144 0.92 -4.72 8.57
N ALA A 145 1.38 -5.54 9.52
CA ALA A 145 0.48 -6.39 10.29
C ALA A 145 -0.09 -5.76 11.56
N GLY A 146 0.60 -4.76 12.11
CA GLY A 146 0.16 -4.17 13.36
C GLY A 146 0.33 -5.14 14.51
N THR A 147 1.40 -5.92 14.43
CA THR A 147 1.74 -6.93 15.44
C THR A 147 1.69 -6.42 16.89
N PRO A 148 1.10 -7.20 17.80
CA PRO A 148 1.00 -6.80 19.20
C PRO A 148 2.32 -6.95 19.96
N ASN A 149 2.38 -6.33 21.14
CA ASN A 149 3.52 -6.46 22.04
C ASN A 149 4.78 -5.81 21.51
N MET A 150 4.63 -4.88 20.58
CA MET A 150 5.79 -4.21 20.00
C MET A 150 5.50 -2.75 19.62
N ALA A 151 4.65 -2.06 20.37
CA ALA A 151 4.08 -0.81 19.85
C ALA A 151 5.12 0.24 19.46
N ALA A 152 6.13 0.46 20.30
CA ALA A 152 7.16 1.45 19.97
C ALA A 152 7.99 1.01 18.78
N TYR A 153 8.23 -0.29 18.69
CA TYR A 153 9.01 -0.90 17.62
C TYR A 153 8.31 -0.73 16.28
N VAL A 154 7.01 -1.04 16.22
CA VAL A 154 6.26 -0.86 14.98
C VAL A 154 6.29 0.61 14.54
N ALA A 155 6.13 1.52 15.50
CA ALA A 155 6.25 2.95 15.20
C ALA A 155 7.64 3.27 14.63
N ALA A 156 8.69 2.80 15.28
CA ALA A 156 10.03 3.06 14.79
C ALA A 156 10.26 2.53 13.38
N LYS A 157 9.77 1.32 13.10
CA LYS A 157 9.96 0.73 11.79
C LYS A 157 9.16 1.46 10.71
N GLY A 158 7.99 1.97 11.06
CA GLY A 158 7.25 2.81 10.13
C GLY A 158 8.02 4.08 9.85
N GLY A 159 8.68 4.59 10.87
CA GLY A 159 9.55 5.75 10.71
C GLY A 159 10.69 5.45 9.74
N VAL A 160 11.24 4.24 9.82
CA VAL A 160 12.33 3.85 8.93
C VAL A 160 11.86 3.79 7.47
N ILE A 161 10.64 3.30 7.27
CA ILE A 161 10.06 3.29 5.93
C ILE A 161 9.80 4.72 5.42
N GLY A 162 9.19 5.56 6.27
CA GLY A 162 9.00 6.96 5.90
C GLY A 162 10.32 7.65 5.56
N PHE A 163 11.33 7.44 6.41
CA PHE A 163 12.65 8.02 6.19
C PHE A 163 13.19 7.56 4.84
N THR A 164 13.05 6.26 4.57
CA THR A 164 13.53 5.70 3.31
C THR A 164 12.92 6.39 2.10
N ARG A 165 11.60 6.60 2.15
CA ARG A 165 10.90 7.21 1.02
C ARG A 165 11.34 8.64 0.79
N ALA A 166 11.49 9.40 1.86
CA ALA A 166 12.00 10.77 1.75
C ALA A 166 13.44 10.79 1.29
N LEU A 167 14.26 9.89 1.83
CA LEU A 167 15.69 9.88 1.51
C LEU A 167 15.91 9.57 0.03
N ALA A 168 15.11 8.68 -0.52
CA ALA A 168 15.23 8.37 -1.94
C ALA A 168 15.09 9.65 -2.77
N THR A 169 14.15 10.51 -2.39
CA THR A 169 13.96 11.78 -3.11
C THR A 169 15.16 12.71 -2.95
N GLU A 170 15.67 12.79 -1.73
CA GLU A 170 16.77 13.70 -1.42
C GLU A 170 18.07 13.30 -2.11
N LEU A 171 18.30 12.00 -2.25
CA LEU A 171 19.62 11.54 -2.64
C LEU A 171 19.70 11.03 -4.08
N GLY A 172 18.56 11.00 -4.76
CA GLY A 172 18.50 10.52 -6.13
C GLY A 172 19.42 11.33 -7.03
N LYS A 173 19.51 12.62 -6.77
CA LYS A 173 20.35 13.51 -7.57
C LYS A 173 21.83 13.17 -7.47
N TYR A 174 22.21 12.46 -6.39
CA TYR A 174 23.59 12.04 -6.21
C TYR A 174 23.78 10.57 -6.61
N ASN A 175 22.76 10.02 -7.28
CA ASN A 175 22.75 8.63 -7.72
CA ASN A 175 22.78 8.63 -7.72
C ASN A 175 22.92 7.63 -6.59
N ILE A 176 22.32 7.95 -5.44
CA ILE A 176 22.29 7.04 -4.31
C ILE A 176 20.83 6.58 -4.17
N THR A 177 20.62 5.28 -4.14
CA THR A 177 19.27 4.75 -3.98
C THR A 177 19.04 4.43 -2.51
N ALA A 178 17.77 4.43 -2.10
CA ALA A 178 17.43 4.16 -0.72
C ALA A 178 16.19 3.28 -0.73
N ASN A 179 16.32 2.07 -0.21
CA ASN A 179 15.23 1.13 -0.17
C ASN A 179 15.15 0.50 1.21
N ALA A 180 14.02 -0.16 1.48
CA ALA A 180 13.84 -0.83 2.76
C ALA A 180 13.46 -2.28 2.52
N VAL A 181 13.82 -3.15 3.46
CA VAL A 181 13.38 -4.54 3.44
C VAL A 181 12.53 -4.77 4.69
N THR A 182 11.36 -5.40 4.52
CA THR A 182 10.57 -5.82 5.67
C THR A 182 10.57 -7.34 5.86
N PRO A 183 11.46 -7.83 6.74
CA PRO A 183 11.43 -9.28 7.01
C PRO A 183 10.18 -9.65 7.78
N GLY A 184 9.71 -10.88 7.60
CA GLY A 184 8.73 -11.43 8.53
C GLY A 184 9.49 -12.01 9.69
N LEU A 185 8.84 -12.87 10.47
CA LEU A 185 9.52 -13.50 11.60
C LEU A 185 10.68 -14.36 11.12
N ILE A 186 11.87 -14.13 11.68
CA ILE A 186 13.08 -14.83 11.26
C ILE A 186 13.74 -15.49 12.47
N GLU A 187 14.22 -16.71 12.27
CA GLU A 187 14.84 -17.49 13.33
C GLU A 187 16.28 -17.02 13.58
N SER A 188 16.43 -15.76 13.97
CA SER A 188 17.73 -15.18 14.29
C SER A 188 18.13 -15.56 15.70
N ASP A 189 19.40 -15.36 16.01
CA ASP A 189 19.89 -15.53 17.38
C ASP A 189 19.01 -14.78 18.38
N GLY A 190 18.67 -13.53 18.05
CA GLY A 190 17.88 -12.71 18.95
C GLY A 190 16.47 -13.22 19.15
N VAL A 191 15.83 -13.67 18.07
CA VAL A 191 14.47 -14.19 18.16
C VAL A 191 14.43 -15.49 18.97
N LYS A 192 15.44 -16.34 18.79
CA LYS A 192 15.49 -17.61 19.51
C LYS A 192 15.55 -17.39 21.02
N ALA A 193 16.05 -16.22 21.43
CA ALA A 193 16.21 -15.90 22.83
C ALA A 193 15.11 -15.00 23.38
N SER A 194 13.98 -14.94 22.66
CA SER A 194 12.90 -14.05 23.05
CA SER A 194 12.90 -14.02 22.99
C SER A 194 11.56 -14.75 22.98
N PRO A 195 10.52 -14.16 23.61
CA PRO A 195 9.20 -14.78 23.53
C PRO A 195 8.68 -14.77 22.09
N HIS A 196 9.32 -14.02 21.21
CA HIS A 196 8.90 -14.02 19.81
C HIS A 196 9.13 -15.38 19.15
N ASN A 197 10.02 -16.18 19.72
CA ASN A 197 10.27 -17.52 19.21
C ASN A 197 9.02 -18.39 19.22
N GLU A 198 8.06 -18.04 20.07
CA GLU A 198 6.84 -18.84 20.20
C GLU A 198 5.82 -18.48 19.12
N ALA A 199 6.09 -17.44 18.36
CA ALA A 199 5.16 -17.01 17.32
C ALA A 199 5.31 -17.83 16.05
N PHE A 200 6.33 -18.69 15.97
CA PHE A 200 6.55 -19.42 14.72
C PHE A 200 5.38 -20.27 14.24
N GLY A 201 4.68 -20.93 15.15
CA GLY A 201 3.57 -21.78 14.73
C GLY A 201 2.50 -20.99 13.99
N PHE A 202 2.05 -19.90 14.61
CA PHE A 202 1.00 -19.05 14.07
C PHE A 202 1.49 -18.44 12.75
N VAL A 203 2.70 -17.90 12.78
CA VAL A 203 3.25 -17.26 11.59
C VAL A 203 3.37 -18.24 10.41
N GLU A 204 3.94 -19.43 10.66
CA GLU A 204 4.07 -20.39 9.56
CA GLU A 204 4.06 -20.44 9.60
C GLU A 204 2.70 -20.79 9.01
N MET A 205 1.69 -20.88 9.87
CA MET A 205 0.38 -21.21 9.35
CA MET A 205 0.33 -21.18 9.42
C MET A 205 -0.22 -20.11 8.47
N LEU A 206 0.16 -18.87 8.70
CA LEU A 206 -0.32 -17.76 7.88
C LEU A 206 0.53 -17.55 6.63
N GLN A 207 1.75 -18.06 6.65
CA GLN A 207 2.62 -17.98 5.47
C GLN A 207 2.05 -18.81 4.32
N ALA A 208 2.33 -18.39 3.09
CA ALA A 208 2.01 -19.21 1.92
C ALA A 208 3.03 -20.35 1.74
N MET A 209 4.28 -20.10 2.12
CA MET A 209 5.36 -21.08 1.97
C MET A 209 5.65 -21.69 3.33
N LYS A 210 6.09 -22.95 3.33
CA LYS A 210 6.42 -23.64 4.58
C LYS A 210 7.80 -23.27 5.10
N GLY A 211 7.96 -23.44 6.42
CA GLY A 211 9.26 -23.31 7.05
C GLY A 211 9.39 -22.07 7.91
N LYS A 212 10.36 -22.10 8.82
CA LYS A 212 10.72 -20.91 9.58
C LYS A 212 11.69 -20.07 8.77
N GLY A 213 11.41 -18.77 8.67
CA GLY A 213 12.33 -17.86 8.00
C GLY A 213 13.71 -17.87 8.64
N GLN A 214 14.73 -17.73 7.81
CA GLN A 214 16.12 -17.81 8.26
C GLN A 214 16.85 -16.52 7.92
N PRO A 215 17.91 -16.20 8.66
CA PRO A 215 18.65 -14.97 8.34
C PRO A 215 19.12 -14.94 6.88
N GLU A 216 19.47 -16.09 6.31
CA GLU A 216 19.93 -16.11 4.92
C GLU A 216 18.83 -15.70 3.93
N HIS A 217 17.57 -15.93 4.29
CA HIS A 217 16.45 -15.46 3.45
C HIS A 217 16.47 -13.95 3.24
N ILE A 218 16.89 -13.24 4.27
CA ILE A 218 16.97 -11.77 4.22
C ILE A 218 18.29 -11.35 3.59
N ALA A 219 19.39 -12.00 3.98
CA ALA A 219 20.70 -11.67 3.44
C ALA A 219 20.72 -11.73 1.92
N ASP A 220 20.07 -12.75 1.36
CA ASP A 220 20.11 -12.94 -0.09
C ASP A 220 19.32 -11.87 -0.85
N VAL A 221 18.31 -11.30 -0.19
CA VAL A 221 17.55 -10.20 -0.78
C VAL A 221 18.35 -8.90 -0.69
N VAL A 222 19.04 -8.72 0.43
CA VAL A 222 19.85 -7.51 0.58
C VAL A 222 20.99 -7.51 -0.43
N SER A 223 21.51 -8.70 -0.72
CA SER A 223 22.54 -8.85 -1.74
C SER A 223 22.05 -8.29 -3.07
N PHE A 224 20.84 -8.67 -3.46
CA PHE A 224 20.25 -8.13 -4.68
C PHE A 224 20.12 -6.60 -4.63
N LEU A 225 19.61 -6.08 -3.52
CA LEU A 225 19.41 -4.64 -3.41
C LEU A 225 20.74 -3.88 -3.44
N ALA A 226 21.83 -4.54 -3.04
CA ALA A 226 23.13 -3.89 -3.05
C ALA A 226 23.78 -3.94 -4.44
N SER A 227 23.22 -4.77 -5.31
CA SER A 227 23.83 -5.06 -6.62
C SER A 227 23.36 -4.10 -7.69
N ASP A 228 24.01 -4.15 -8.85
CA ASP A 228 23.59 -3.32 -9.97
C ASP A 228 22.25 -3.79 -10.54
N ASP A 229 21.82 -5.00 -10.23
CA ASP A 229 20.53 -5.47 -10.74
C ASP A 229 19.37 -4.65 -10.17
N ALA A 230 19.60 -3.99 -9.04
CA ALA A 230 18.57 -3.17 -8.39
C ALA A 230 18.72 -1.68 -8.68
N ARG A 231 19.48 -1.34 -9.72
CA ARG A 231 19.86 0.05 -9.95
C ARG A 231 18.69 0.99 -10.25
N TRP A 232 17.56 0.44 -10.71
CA TRP A 232 16.41 1.28 -11.07
C TRP A 232 15.36 1.29 -9.96
N ILE A 233 15.68 0.64 -8.83
CA ILE A 233 14.76 0.61 -7.69
C ILE A 233 15.21 1.62 -6.64
N THR A 234 14.35 2.59 -6.34
CA THR A 234 14.67 3.50 -5.23
C THR A 234 13.39 4.01 -4.61
N GLY A 235 13.39 4.09 -3.28
CA GLY A 235 12.24 4.56 -2.53
C GLY A 235 11.26 3.46 -2.21
N GLN A 236 11.66 2.22 -2.43
CA GLN A 236 10.73 1.08 -2.35
C GLN A 236 10.97 0.23 -1.12
N THR A 237 9.96 -0.58 -0.79
CA THR A 237 10.05 -1.49 0.34
C THR A 237 9.73 -2.88 -0.16
N LEU A 238 10.66 -3.81 0.08
CA LEU A 238 10.50 -5.18 -0.37
CA LEU A 238 10.51 -5.20 -0.36
C LEU A 238 10.22 -6.08 0.83
N ASN A 239 9.06 -6.76 0.79
CA ASN A 239 8.61 -7.57 1.90
C ASN A 239 9.04 -9.02 1.71
N VAL A 240 9.68 -9.59 2.72
CA VAL A 240 10.33 -10.89 2.59
C VAL A 240 9.89 -11.76 3.78
N ASP A 241 8.81 -12.50 3.59
CA ASP A 241 8.11 -13.13 4.73
C ASP A 241 7.33 -14.37 4.34
N ALA A 242 7.70 -14.98 3.22
CA ALA A 242 7.01 -16.17 2.74
C ALA A 242 5.52 -15.94 2.60
N GLY A 243 5.11 -14.68 2.41
CA GLY A 243 3.72 -14.37 2.17
C GLY A 243 2.82 -14.19 3.39
N MET A 244 3.37 -13.90 4.55
CA MET A 244 2.49 -13.61 5.68
C MET A 244 1.56 -12.41 5.39
N VAL A 245 2.11 -11.36 4.81
CA VAL A 245 1.27 -10.28 4.32
C VAL A 245 1.59 -10.03 2.85
N ARG A 246 0.78 -9.23 2.18
CA ARG A 246 1.00 -8.97 0.76
CA ARG A 246 0.93 -8.96 0.75
C ARG A 246 1.23 -7.49 0.51
N HIS A 247 2.43 -7.19 0.03
CA HIS A 247 2.82 -5.83 -0.30
C HIS A 247 3.28 -5.87 -1.76
N THR B 1 -29.74 18.79 7.57
CA THR B 1 -30.09 17.41 7.85
C THR B 1 -30.83 16.80 6.65
N GLU B 2 -30.78 15.47 6.54
CA GLU B 2 -31.18 14.80 5.30
C GLU B 2 -30.27 15.35 4.20
N ARG B 3 -28.98 15.07 4.36
CA ARG B 3 -27.96 15.67 3.52
CA ARG B 3 -27.93 15.65 3.52
C ARG B 3 -28.06 15.32 2.04
N LEU B 4 -28.74 14.22 1.72
CA LEU B 4 -28.85 13.82 0.32
C LEU B 4 -30.20 14.21 -0.30
N ALA B 5 -30.98 15.03 0.40
CA ALA B 5 -32.22 15.53 -0.19
C ALA B 5 -31.98 16.10 -1.59
N GLY B 6 -32.78 15.67 -2.55
CA GLY B 6 -32.68 16.19 -3.91
C GLY B 6 -31.68 15.45 -4.78
N LYS B 7 -31.00 14.47 -4.21
CA LYS B 7 -29.99 13.72 -4.94
C LYS B 7 -30.58 12.38 -5.37
N THR B 8 -30.02 11.81 -6.43
CA THR B 8 -30.44 10.50 -6.91
C THR B 8 -29.23 9.58 -6.89
N ALA B 9 -29.39 8.43 -6.24
CA ALA B 9 -28.31 7.45 -6.17
C ALA B 9 -28.76 6.13 -6.78
N LEU B 10 -27.89 5.54 -7.58
CA LEU B 10 -28.13 4.19 -8.08
C LEU B 10 -27.24 3.22 -7.32
N VAL B 11 -27.84 2.13 -6.82
CA VAL B 11 -27.07 1.06 -6.20
C VAL B 11 -27.34 -0.22 -6.98
N THR B 12 -26.31 -0.83 -7.53
CA THR B 12 -26.50 -2.11 -8.22
C THR B 12 -26.38 -3.28 -7.24
N GLY B 13 -26.98 -4.40 -7.60
CA GLY B 13 -26.97 -5.57 -6.72
C GLY B 13 -27.70 -5.33 -5.41
N ALA B 14 -28.75 -4.51 -5.44
CA ALA B 14 -29.35 -4.03 -4.18
C ALA B 14 -30.59 -4.81 -3.73
N ALA B 15 -30.83 -5.97 -4.32
CA ALA B 15 -31.96 -6.80 -3.90
C ALA B 15 -31.77 -7.37 -2.50
N GLN B 16 -30.52 -7.54 -2.08
CA GLN B 16 -30.22 -8.18 -0.80
C GLN B 16 -28.85 -7.77 -0.28
N GLY B 17 -28.47 -8.28 0.88
CA GLY B 17 -27.12 -8.12 1.38
C GLY B 17 -26.64 -6.68 1.54
N ILE B 18 -25.36 -6.47 1.25
CA ILE B 18 -24.74 -5.17 1.43
C ILE B 18 -25.43 -4.12 0.55
N GLY B 19 -25.78 -4.48 -0.67
CA GLY B 19 -26.39 -3.53 -1.58
C GLY B 19 -27.72 -3.02 -1.05
N LYS B 20 -28.55 -3.92 -0.54
CA LYS B 20 -29.82 -3.48 0.05
C LYS B 20 -29.58 -2.52 1.22
N ALA B 21 -28.61 -2.85 2.07
CA ALA B 21 -28.30 -2.01 3.21
C ALA B 21 -27.79 -0.62 2.79
N ILE B 22 -26.95 -0.60 1.76
CA ILE B 22 -26.49 0.67 1.22
C ILE B 22 -27.68 1.50 0.71
N ALA B 23 -28.55 0.87 -0.07
CA ALA B 23 -29.72 1.58 -0.58
C ALA B 23 -30.59 2.12 0.56
N ALA B 24 -30.79 1.31 1.60
CA ALA B 24 -31.58 1.75 2.75
C ALA B 24 -30.97 2.96 3.42
N ARG B 25 -29.66 2.97 3.58
CA ARG B 25 -28.98 4.07 4.26
C ARG B 25 -29.01 5.34 3.42
N LEU B 26 -28.78 5.20 2.13
CA LEU B 26 -28.82 6.38 1.27
C LEU B 26 -30.24 6.96 1.22
N ALA B 27 -31.24 6.09 1.26
CA ALA B 27 -32.62 6.56 1.33
C ALA B 27 -32.88 7.32 2.64
N ALA B 28 -32.38 6.79 3.76
CA ALA B 28 -32.52 7.48 5.03
C ALA B 28 -31.80 8.82 5.01
N ASP B 29 -30.72 8.91 4.24
CA ASP B 29 -29.98 10.15 4.07
C ASP B 29 -30.76 11.17 3.24
N GLY B 30 -31.86 10.73 2.62
CA GLY B 30 -32.72 11.62 1.87
C GLY B 30 -32.70 11.44 0.35
N ALA B 31 -31.80 10.61 -0.14
CA ALA B 31 -31.69 10.40 -1.58
C ALA B 31 -32.90 9.69 -2.20
N THR B 32 -33.17 10.00 -3.47
CA THR B 32 -33.99 9.11 -4.27
C THR B 32 -33.07 7.98 -4.69
N VAL B 33 -33.43 6.75 -4.35
CA VAL B 33 -32.54 5.62 -4.57
C VAL B 33 -33.10 4.68 -5.63
N ILE B 34 -32.30 4.43 -6.66
CA ILE B 34 -32.64 3.41 -7.64
C ILE B 34 -32.05 2.07 -7.18
N VAL B 35 -32.94 1.13 -6.86
CA VAL B 35 -32.57 -0.19 -6.38
C VAL B 35 -32.51 -1.10 -7.59
N SER B 36 -31.31 -1.44 -8.03
CA SER B 36 -31.17 -2.22 -9.26
C SER B 36 -30.53 -3.58 -8.96
N ASP B 37 -31.04 -4.61 -9.62
CA ASP B 37 -30.51 -5.95 -9.42
C ASP B 37 -30.92 -6.80 -10.62
N ILE B 38 -30.15 -7.84 -10.91
CA ILE B 38 -30.52 -8.76 -11.99
C ILE B 38 -31.76 -9.55 -11.59
N ASN B 39 -31.94 -9.71 -10.28
CA ASN B 39 -33.11 -10.35 -9.71
C ASN B 39 -34.23 -9.32 -9.57
N ALA B 40 -35.11 -9.26 -10.57
CA ALA B 40 -36.13 -8.23 -10.64
C ALA B 40 -37.11 -8.31 -9.48
N GLU B 41 -37.52 -9.52 -9.11
CA GLU B 41 -38.46 -9.72 -8.02
C GLU B 41 -37.82 -9.28 -6.71
N GLY B 42 -36.55 -9.59 -6.53
CA GLY B 42 -35.81 -9.17 -5.36
C GLY B 42 -35.67 -7.66 -5.28
N ALA B 43 -35.39 -7.03 -6.43
CA ALA B 43 -35.26 -5.58 -6.46
C ALA B 43 -36.56 -4.90 -6.04
N LYS B 44 -37.68 -5.40 -6.55
N LYS B 44 -37.68 -5.40 -6.55
CA LYS B 44 -38.99 -4.86 -6.21
CA LYS B 44 -38.98 -4.85 -6.20
C LYS B 44 -39.24 -4.95 -4.71
C LYS B 44 -39.20 -4.93 -4.70
N ALA B 45 -38.94 -6.10 -4.13
CA ALA B 45 -39.18 -6.32 -2.70
C ALA B 45 -38.27 -5.42 -1.88
N ALA B 46 -37.01 -5.31 -2.28
CA ALA B 46 -36.06 -4.47 -1.57
C ALA B 46 -36.50 -2.99 -1.57
N ALA B 47 -36.89 -2.48 -2.73
CA ALA B 47 -37.37 -1.10 -2.84
C ALA B 47 -38.62 -0.89 -1.98
N ALA B 48 -39.53 -1.87 -2.00
CA ALA B 48 -40.73 -1.76 -1.17
C ALA B 48 -40.40 -1.72 0.32
N SER B 49 -39.43 -2.52 0.73
CA SER B 49 -39.03 -2.59 2.13
CA SER B 49 -39.03 -2.58 2.14
C SER B 49 -38.42 -1.26 2.57
N ILE B 50 -37.64 -0.66 1.69
CA ILE B 50 -36.98 0.60 2.01
C ILE B 50 -38.02 1.71 2.10
N GLY B 51 -39.02 1.66 1.24
CA GLY B 51 -40.09 2.64 1.31
C GLY B 51 -39.78 3.80 0.41
N LYS B 52 -40.87 4.44 -0.03
N LYS B 52 -40.80 4.39 -0.19
CA LYS B 52 -40.90 5.84 -0.48
CA LYS B 52 -40.55 4.97 -1.48
C LYS B 52 -39.89 6.30 -1.49
C LYS B 52 -39.86 6.33 -1.60
N LYS B 53 -38.67 6.42 -1.02
CA LYS B 53 -37.62 7.14 -1.69
C LYS B 53 -37.02 6.18 -2.72
N ALA B 54 -37.41 4.91 -2.63
CA ALA B 54 -36.77 3.88 -3.43
C ALA B 54 -37.61 3.39 -4.63
N ARG B 55 -36.95 3.17 -5.75
CA ARG B 55 -37.61 2.65 -6.95
C ARG B 55 -36.78 1.49 -7.52
N ALA B 56 -37.42 0.38 -7.84
CA ALA B 56 -36.69 -0.77 -8.38
C ALA B 56 -36.65 -0.70 -9.90
N ILE B 57 -35.46 -0.94 -10.46
CA ILE B 57 -35.29 -1.10 -11.89
C ILE B 57 -34.31 -2.23 -12.13
N ALA B 58 -34.76 -3.31 -12.75
CA ALA B 58 -33.91 -4.47 -12.93
C ALA B 58 -32.87 -4.22 -14.01
N ALA B 59 -31.68 -4.76 -13.79
CA ALA B 59 -30.63 -4.74 -14.80
C ALA B 59 -29.57 -5.80 -14.53
N ASP B 60 -28.98 -6.33 -15.60
CA ASP B 60 -27.82 -7.20 -15.53
C ASP B 60 -26.61 -6.33 -15.87
N ILE B 61 -25.73 -6.10 -14.90
CA ILE B 61 -24.64 -5.15 -15.10
C ILE B 61 -23.65 -5.60 -16.16
N SER B 62 -23.66 -6.89 -16.48
CA SER B 62 -22.74 -7.41 -17.50
C SER B 62 -23.29 -7.27 -18.92
N ASP B 63 -24.53 -6.82 -19.03
CA ASP B 63 -25.23 -6.72 -20.31
C ASP B 63 -25.36 -5.26 -20.72
N PRO B 64 -24.62 -4.81 -21.75
CA PRO B 64 -24.60 -3.38 -22.10
C PRO B 64 -25.98 -2.83 -22.42
N GLY B 65 -26.80 -3.59 -23.12
CA GLY B 65 -28.14 -3.12 -23.46
C GLY B 65 -29.02 -2.94 -22.25
N SER B 66 -28.90 -3.88 -21.31
CA SER B 66 -29.66 -3.85 -20.07
C SER B 66 -29.30 -2.58 -19.30
N VAL B 67 -28.00 -2.30 -19.25
CA VAL B 67 -27.53 -1.12 -18.53
C VAL B 67 -27.95 0.18 -19.23
N LYS B 68 -27.91 0.20 -20.56
CA LYS B 68 -28.38 1.37 -21.29
C LYS B 68 -29.86 1.66 -21.00
N ALA B 69 -30.68 0.62 -20.99
CA ALA B 69 -32.09 0.73 -20.64
C ALA B 69 -32.28 1.23 -19.20
N LEU B 70 -31.49 0.69 -18.28
CA LEU B 70 -31.53 1.13 -16.90
C LEU B 70 -31.32 2.65 -16.82
N PHE B 71 -30.24 3.13 -17.42
CA PHE B 71 -29.93 4.55 -17.35
C PHE B 71 -30.90 5.44 -18.09
N ALA B 72 -31.45 4.97 -19.20
CA ALA B 72 -32.49 5.72 -19.90
C ALA B 72 -33.70 5.93 -19.00
N GLU B 73 -34.09 4.89 -18.26
CA GLU B 73 -35.23 4.99 -17.37
C GLU B 73 -34.94 5.94 -16.22
N ILE B 74 -33.73 5.86 -15.66
CA ILE B 74 -33.34 6.78 -14.59
C ILE B 74 -33.37 8.24 -15.08
N GLN B 75 -32.87 8.46 -16.29
CA GLN B 75 -32.85 9.82 -16.83
C GLN B 75 -34.27 10.35 -16.96
N ALA B 76 -35.17 9.50 -17.43
CA ALA B 76 -36.56 9.92 -17.62
C ALA B 76 -37.25 10.25 -16.30
N LEU B 77 -36.96 9.48 -15.26
CA LEU B 77 -37.65 9.63 -13.98
C LEU B 77 -37.06 10.75 -13.11
N THR B 78 -35.74 10.95 -13.19
CA THR B 78 -35.07 11.79 -12.21
C THR B 78 -34.20 12.91 -12.76
N GLY B 79 -33.82 12.85 -14.03
CA GLY B 79 -32.93 13.83 -14.60
C GLY B 79 -31.45 13.42 -14.53
N GLY B 80 -31.19 12.24 -13.97
CA GLY B 80 -29.84 11.69 -13.95
C GLY B 80 -29.29 11.43 -12.55
N ILE B 81 -28.42 10.43 -12.41
CA ILE B 81 -27.84 10.14 -11.11
C ILE B 81 -26.79 11.15 -10.68
N ASP B 82 -26.70 11.33 -9.36
CA ASP B 82 -25.64 12.11 -8.73
C ASP B 82 -24.60 11.16 -8.14
N ILE B 83 -25.08 9.99 -7.74
CA ILE B 83 -24.25 9.03 -7.00
C ILE B 83 -24.41 7.64 -7.61
N LEU B 84 -23.28 6.97 -7.85
CA LEU B 84 -23.27 5.60 -8.33
C LEU B 84 -22.54 4.71 -7.34
N VAL B 85 -23.23 3.67 -6.88
CA VAL B 85 -22.59 2.66 -6.03
C VAL B 85 -22.54 1.36 -6.79
N ASN B 86 -21.34 0.96 -7.21
CA ASN B 86 -21.11 -0.30 -7.90
C ASN B 86 -20.98 -1.42 -6.88
N ASN B 87 -22.09 -2.07 -6.57
CA ASN B 87 -22.11 -3.10 -5.55
C ASN B 87 -22.30 -4.51 -6.10
N ALA B 88 -22.99 -4.64 -7.23
CA ALA B 88 -23.26 -5.97 -7.78
C ALA B 88 -21.98 -6.74 -8.06
N SER B 89 -21.99 -8.03 -7.70
CA SER B 89 -20.92 -8.95 -8.04
C SER B 89 -21.36 -10.36 -7.68
N ILE B 90 -20.71 -11.35 -8.30
CA ILE B 90 -20.79 -12.73 -7.85
C ILE B 90 -19.69 -12.96 -6.81
N VAL B 91 -20.05 -13.59 -5.69
CA VAL B 91 -19.07 -13.87 -4.64
C VAL B 91 -18.92 -15.37 -4.52
N PRO B 92 -17.95 -15.94 -5.24
CA PRO B 92 -17.85 -17.40 -5.38
C PRO B 92 -17.04 -18.04 -4.27
N PHE B 93 -17.18 -19.35 -4.11
CA PHE B 93 -16.26 -20.13 -3.30
C PHE B 93 -15.85 -21.28 -4.19
N VAL B 94 -14.60 -21.23 -4.65
CA VAL B 94 -14.13 -22.16 -5.67
CA VAL B 94 -14.14 -22.16 -5.66
C VAL B 94 -12.68 -22.54 -5.42
N ALA B 95 -12.45 -23.83 -5.20
CA ALA B 95 -11.09 -24.35 -5.04
C ALA B 95 -10.26 -23.99 -6.27
N TRP B 96 -8.98 -23.69 -6.08
CA TRP B 96 -8.13 -23.31 -7.19
C TRP B 96 -8.23 -24.26 -8.37
N ASP B 97 -8.19 -25.57 -8.11
CA ASP B 97 -8.21 -26.50 -9.23
C ASP B 97 -9.56 -26.57 -9.95
N ASP B 98 -10.58 -25.92 -9.39
CA ASP B 98 -11.87 -25.79 -10.06
C ASP B 98 -12.03 -24.43 -10.76
N VAL B 99 -11.01 -23.58 -10.65
CA VAL B 99 -11.02 -22.31 -11.38
C VAL B 99 -10.60 -22.55 -12.82
N ASP B 100 -11.58 -22.78 -13.68
CA ASP B 100 -11.30 -22.94 -15.10
C ASP B 100 -11.64 -21.66 -15.85
N LEU B 101 -11.40 -21.67 -17.15
CA LEU B 101 -11.61 -20.46 -17.95
C LEU B 101 -13.09 -20.01 -17.94
N ASP B 102 -14.03 -20.96 -17.95
CA ASP B 102 -15.44 -20.59 -17.93
C ASP B 102 -15.77 -19.80 -16.66
N HIS B 103 -15.27 -20.30 -15.53
CA HIS B 103 -15.49 -19.63 -14.25
C HIS B 103 -14.82 -18.27 -14.26
N TRP B 104 -13.56 -18.26 -14.67
CA TRP B 104 -12.80 -17.00 -14.71
C TRP B 104 -13.53 -15.95 -15.52
N ARG B 105 -13.92 -16.30 -16.75
CA ARG B 105 -14.59 -15.35 -17.62
C ARG B 105 -15.86 -14.80 -17.00
N LYS B 106 -16.66 -15.66 -16.36
CA LYS B 106 -17.90 -15.23 -15.76
C LYS B 106 -17.65 -14.22 -14.64
N ILE B 107 -16.71 -14.54 -13.75
CA ILE B 107 -16.41 -13.63 -12.64
C ILE B 107 -15.89 -12.28 -13.13
N ILE B 108 -14.97 -12.32 -14.08
CA ILE B 108 -14.43 -11.08 -14.65
CA ILE B 108 -14.43 -11.08 -14.63
C ILE B 108 -15.51 -10.28 -15.38
N ASP B 109 -16.33 -10.98 -16.16
CA ASP B 109 -17.35 -10.31 -16.94
CA ASP B 109 -17.39 -10.34 -16.95
C ASP B 109 -18.36 -9.57 -16.08
N VAL B 110 -18.79 -10.18 -14.97
CA VAL B 110 -19.74 -9.49 -14.10
C VAL B 110 -19.05 -8.48 -13.18
N ASN B 111 -18.07 -8.97 -12.42
CA ASN B 111 -17.51 -8.19 -11.33
C ASN B 111 -16.64 -7.03 -11.78
N LEU B 112 -15.91 -7.24 -12.87
CA LEU B 112 -15.00 -6.22 -13.35
C LEU B 112 -15.59 -5.49 -14.57
N THR B 113 -15.89 -6.23 -15.62
CA THR B 113 -16.41 -5.60 -16.82
C THR B 113 -17.80 -4.99 -16.60
N GLY B 114 -18.66 -5.67 -15.84
CA GLY B 114 -19.95 -5.07 -15.52
C GLY B 114 -19.78 -3.72 -14.81
N THR B 115 -18.80 -3.65 -13.92
CA THR B 115 -18.52 -2.43 -13.21
C THR B 115 -18.12 -1.31 -14.19
N PHE B 116 -17.30 -1.65 -15.19
CA PHE B 116 -16.99 -0.68 -16.24
C PHE B 116 -18.24 -0.23 -16.99
N ILE B 117 -19.05 -1.19 -17.41
CA ILE B 117 -20.24 -0.87 -18.20
C ILE B 117 -21.16 0.12 -17.47
N VAL B 118 -21.40 -0.17 -16.20
CA VAL B 118 -22.26 0.68 -15.39
C VAL B 118 -21.62 2.06 -15.16
N THR B 119 -20.31 2.07 -14.94
CA THR B 119 -19.59 3.31 -14.64
C THR B 119 -19.49 4.21 -15.86
N ARG B 120 -19.23 3.59 -17.01
CA ARG B 120 -19.23 4.29 -18.28
C ARG B 120 -20.54 5.03 -18.50
N ALA B 121 -21.65 4.30 -18.42
CA ALA B 121 -22.95 4.92 -18.64
C ALA B 121 -23.30 5.93 -17.55
N GLY B 122 -23.02 5.57 -16.30
CA GLY B 122 -23.41 6.41 -15.18
C GLY B 122 -22.67 7.73 -15.14
N THR B 123 -21.37 7.69 -15.37
CA THR B 123 -20.60 8.93 -15.32
C THR B 123 -20.86 9.77 -16.55
N ASP B 124 -21.16 9.12 -17.67
CA ASP B 124 -21.55 9.88 -18.86
C ASP B 124 -22.87 10.61 -18.56
N GLN B 125 -23.75 9.96 -17.82
CA GLN B 125 -25.02 10.56 -17.45
C GLN B 125 -24.82 11.75 -16.51
N MET B 126 -23.96 11.58 -15.50
CA MET B 126 -23.63 12.69 -14.62
C MET B 126 -23.14 13.88 -15.42
N ARG B 127 -22.22 13.63 -16.35
CA ARG B 127 -21.62 14.72 -17.12
C ARG B 127 -22.63 15.42 -18.01
N ALA B 128 -23.47 14.62 -18.67
CA ALA B 128 -24.49 15.18 -19.57
C ALA B 128 -25.46 16.09 -18.81
N ALA B 129 -25.69 15.78 -17.55
CA ALA B 129 -26.63 16.53 -16.73
C ALA B 129 -25.92 17.65 -15.96
N GLY B 130 -24.61 17.78 -16.15
CA GLY B 130 -23.82 18.77 -15.44
C GLY B 130 -23.80 18.57 -13.95
N LYS B 131 -23.78 17.31 -13.50
CA LYS B 131 -23.81 17.01 -12.08
C LYS B 131 -22.41 16.70 -11.56
N ALA B 132 -22.03 17.35 -10.47
CA ALA B 132 -20.88 16.89 -9.72
C ALA B 132 -21.35 15.52 -9.30
N GLY B 133 -20.45 14.56 -9.26
CA GLY B 133 -20.87 13.21 -8.97
C GLY B 133 -19.92 12.46 -8.05
N ARG B 134 -20.39 11.30 -7.63
CA ARG B 134 -19.67 10.41 -6.72
CA ARG B 134 -19.58 10.42 -6.82
C ARG B 134 -19.77 9.00 -7.30
N VAL B 135 -18.64 8.37 -7.57
CA VAL B 135 -18.62 6.95 -7.91
C VAL B 135 -18.01 6.22 -6.73
N ILE B 136 -18.71 5.22 -6.23
CA ILE B 136 -18.23 4.42 -5.10
C ILE B 136 -18.35 2.95 -5.48
N SER B 137 -17.22 2.25 -5.57
CA SER B 137 -17.25 0.85 -6.00
C SER B 137 -16.87 -0.05 -4.84
N ILE B 138 -17.66 -1.10 -4.64
CA ILE B 138 -17.37 -2.05 -3.58
C ILE B 138 -16.39 -3.10 -4.10
N ALA B 139 -15.20 -3.10 -3.52
CA ALA B 139 -14.18 -4.08 -3.91
C ALA B 139 -14.22 -5.17 -2.84
N SER B 140 -13.08 -5.49 -2.24
CA SER B 140 -12.98 -6.55 -1.22
C SER B 140 -11.59 -6.56 -0.58
N ASN B 141 -11.51 -6.76 0.73
CA ASN B 141 -10.20 -6.85 1.36
C ASN B 141 -9.43 -8.14 1.04
N THR B 142 -10.06 -9.03 0.29
CA THR B 142 -9.32 -10.19 -0.24
C THR B 142 -8.21 -9.72 -1.15
N PHE B 143 -8.37 -8.54 -1.76
CA PHE B 143 -7.29 -7.98 -2.56
C PHE B 143 -6.02 -7.77 -1.73
N PHE B 144 -6.17 -7.42 -0.46
CA PHE B 144 -5.02 -7.20 0.40
C PHE B 144 -4.52 -8.50 1.04
N ALA B 145 -5.45 -9.40 1.33
CA ALA B 145 -5.13 -10.62 2.08
C ALA B 145 -4.68 -11.79 1.22
N GLY B 146 -5.06 -11.80 -0.06
CA GLY B 146 -4.76 -12.93 -0.91
C GLY B 146 -5.57 -14.17 -0.54
N THR B 147 -6.80 -13.93 -0.10
CA THR B 147 -7.70 -14.98 0.38
C THR B 147 -7.84 -16.15 -0.60
N PRO B 148 -7.76 -17.39 -0.11
CA PRO B 148 -7.92 -18.55 -0.99
C PRO B 148 -9.37 -18.85 -1.37
N ASN B 149 -9.54 -19.72 -2.35
CA ASN B 149 -10.83 -20.18 -2.83
C ASN B 149 -11.65 -19.11 -3.56
N MET B 150 -10.96 -18.10 -4.10
CA MET B 150 -11.65 -17.01 -4.76
C MET B 150 -10.77 -16.37 -5.83
N ALA B 151 -9.93 -17.16 -6.53
CA ALA B 151 -8.87 -16.54 -7.32
C ALA B 151 -9.33 -15.56 -8.39
N ALA B 152 -10.35 -15.92 -9.15
CA ALA B 152 -10.85 -15.01 -10.20
C ALA B 152 -11.48 -13.75 -9.58
N TYR B 153 -12.14 -13.93 -8.44
CA TYR B 153 -12.79 -12.85 -7.72
C TYR B 153 -11.77 -11.84 -7.19
N VAL B 154 -10.67 -12.34 -6.62
CA VAL B 154 -9.65 -11.42 -6.13
C VAL B 154 -9.03 -10.62 -7.28
N ALA B 155 -8.81 -11.28 -8.41
CA ALA B 155 -8.32 -10.62 -9.60
C ALA B 155 -9.29 -9.52 -10.03
N ALA B 156 -10.57 -9.86 -10.10
CA ALA B 156 -11.57 -8.89 -10.52
C ALA B 156 -11.64 -7.69 -9.58
N LYS B 157 -11.51 -7.95 -8.27
CA LYS B 157 -11.58 -6.87 -7.29
C LYS B 157 -10.34 -5.99 -7.34
N GLY B 158 -9.19 -6.57 -7.65
CA GLY B 158 -7.99 -5.78 -7.92
C GLY B 158 -8.22 -4.91 -9.14
N GLY B 159 -8.89 -5.46 -10.16
CA GLY B 159 -9.24 -4.68 -11.33
C GLY B 159 -10.15 -3.49 -11.00
N VAL B 160 -11.07 -3.69 -10.07
CA VAL B 160 -11.96 -2.61 -9.67
C VAL B 160 -11.17 -1.50 -8.97
N ILE B 161 -10.21 -1.88 -8.14
CA ILE B 161 -9.37 -0.87 -7.48
C ILE B 161 -8.50 -0.10 -8.51
N GLY B 162 -7.91 -0.83 -9.46
CA GLY B 162 -7.13 -0.20 -10.50
C GLY B 162 -7.98 0.75 -11.32
N PHE B 163 -9.16 0.28 -11.71
CA PHE B 163 -10.10 1.08 -12.48
C PHE B 163 -10.44 2.35 -11.69
N THR B 164 -10.71 2.19 -10.41
CA THR B 164 -11.03 3.34 -9.55
C THR B 164 -9.92 4.38 -9.56
N ARG B 165 -8.68 3.93 -9.45
CA ARG B 165 -7.57 4.86 -9.36
C ARG B 165 -7.40 5.62 -10.66
N ALA B 166 -7.53 4.92 -11.80
CA ALA B 166 -7.43 5.58 -13.10
C ALA B 166 -8.63 6.49 -13.34
N LEU B 167 -9.82 6.03 -12.96
CA LEU B 167 -11.05 6.77 -13.18
C LEU B 167 -11.03 8.11 -12.43
N ALA B 168 -10.49 8.11 -11.21
CA ALA B 168 -10.38 9.34 -10.45
C ALA B 168 -9.61 10.41 -11.22
N THR B 169 -8.53 9.99 -11.89
CA THR B 169 -7.71 10.91 -12.68
C THR B 169 -8.48 11.42 -13.89
N GLU B 170 -9.21 10.52 -14.54
CA GLU B 170 -9.97 10.88 -15.73
C GLU B 170 -11.16 11.82 -15.45
N LEU B 171 -11.80 11.67 -14.29
CA LEU B 171 -13.07 12.36 -14.06
C LEU B 171 -12.98 13.57 -13.14
N GLY B 172 -11.81 13.81 -12.55
CA GLY B 172 -11.67 14.89 -11.57
C GLY B 172 -12.03 16.24 -12.16
N LYS B 173 -11.69 16.41 -13.43
CA LYS B 173 -11.96 17.68 -14.12
C LYS B 173 -13.45 17.95 -14.26
N TYR B 174 -14.26 16.89 -14.16
CA TYR B 174 -15.72 17.02 -14.23
C TYR B 174 -16.34 17.11 -12.84
N ASN B 175 -15.50 17.24 -11.82
CA ASN B 175 -15.98 17.30 -10.44
CA ASN B 175 -16.00 17.31 -10.44
C ASN B 175 -16.72 16.02 -10.06
N ILE B 176 -16.21 14.90 -10.55
CA ILE B 176 -16.70 13.59 -10.14
C ILE B 176 -15.56 12.89 -9.42
N THR B 177 -15.82 12.43 -8.20
CA THR B 177 -14.82 11.64 -7.46
C THR B 177 -15.10 10.16 -7.65
N ALA B 178 -14.06 9.37 -7.49
CA ALA B 178 -14.20 7.92 -7.61
C ALA B 178 -13.36 7.26 -6.54
N ASN B 179 -14.02 6.50 -5.66
CA ASN B 179 -13.34 5.82 -4.57
C ASN B 179 -13.83 4.39 -4.48
N ALA B 180 -13.10 3.56 -3.74
CA ALA B 180 -13.51 2.19 -3.54
C ALA B 180 -13.59 1.89 -2.05
N VAL B 181 -14.44 0.94 -1.68
CA VAL B 181 -14.48 0.42 -0.31
C VAL B 181 -14.09 -1.03 -0.37
N THR B 182 -13.22 -1.47 0.55
CA THR B 182 -12.92 -2.90 0.67
C THR B 182 -13.52 -3.45 1.97
N PRO B 183 -14.70 -4.08 1.87
CA PRO B 183 -15.23 -4.75 3.07
C PRO B 183 -14.38 -5.96 3.43
N GLY B 184 -14.36 -6.32 4.71
CA GLY B 184 -13.93 -7.64 5.11
C GLY B 184 -15.13 -8.58 5.03
N LEU B 185 -15.00 -9.78 5.59
CA LEU B 185 -16.13 -10.70 5.59
C LEU B 185 -17.33 -10.09 6.30
N ILE B 186 -18.46 -10.09 5.60
CA ILE B 186 -19.71 -9.53 6.11
C ILE B 186 -20.79 -10.59 6.11
N GLU B 187 -21.61 -10.59 7.16
CA GLU B 187 -22.68 -11.57 7.30
C GLU B 187 -23.88 -11.17 6.43
N SER B 188 -23.67 -11.12 5.11
CA SER B 188 -24.74 -10.76 4.18
C SER B 188 -25.57 -12.00 3.83
N ASP B 189 -26.72 -11.77 3.22
CA ASP B 189 -27.56 -12.86 2.75
C ASP B 189 -26.75 -13.86 1.94
N GLY B 190 -25.93 -13.34 1.03
CA GLY B 190 -25.17 -14.20 0.16
C GLY B 190 -24.11 -15.02 0.88
N VAL B 191 -23.44 -14.41 1.85
CA VAL B 191 -22.41 -15.12 2.61
C VAL B 191 -23.04 -16.20 3.50
N LYS B 192 -24.20 -15.90 4.09
CA LYS B 192 -24.87 -16.88 4.94
C LYS B 192 -25.27 -18.12 4.15
N ALA B 193 -25.44 -17.95 2.85
CA ALA B 193 -25.85 -19.06 1.99
C ALA B 193 -24.69 -19.72 1.26
N SER B 194 -23.46 -19.45 1.70
CA SER B 194 -22.29 -19.96 1.00
C SER B 194 -21.26 -20.52 1.99
N PRO B 195 -20.25 -21.22 1.49
CA PRO B 195 -19.22 -21.72 2.39
C PRO B 195 -18.41 -20.62 3.09
N HIS B 196 -18.51 -19.38 2.63
CA HIS B 196 -17.85 -18.30 3.35
C HIS B 196 -18.41 -18.09 4.75
N ASN B 197 -19.62 -18.58 4.99
CA ASN B 197 -20.25 -18.45 6.31
C ASN B 197 -19.40 -19.16 7.36
N GLU B 198 -18.64 -20.15 6.93
CA GLU B 198 -17.79 -20.90 7.83
C GLU B 198 -16.45 -20.21 8.12
N ALA B 199 -16.22 -19.06 7.48
CA ALA B 199 -14.95 -18.37 7.63
C ALA B 199 -14.92 -17.37 8.79
N PHE B 200 -16.06 -17.14 9.43
CA PHE B 200 -16.09 -16.13 10.49
C PHE B 200 -15.13 -16.41 11.64
N GLY B 201 -14.95 -17.68 11.99
CA GLY B 201 -14.01 -18.01 13.05
C GLY B 201 -12.61 -17.49 12.77
N PHE B 202 -12.06 -17.85 11.62
CA PHE B 202 -10.73 -17.40 11.22
C PHE B 202 -10.64 -15.88 11.08
N VAL B 203 -11.64 -15.29 10.42
CA VAL B 203 -11.62 -13.85 10.22
C VAL B 203 -11.70 -13.09 11.54
N GLU B 204 -12.62 -13.46 12.41
CA GLU B 204 -12.72 -12.80 13.71
C GLU B 204 -11.42 -12.93 14.52
N MET B 205 -10.75 -14.07 14.38
CA MET B 205 -9.47 -14.27 15.05
C MET B 205 -8.46 -13.19 14.66
N LEU B 206 -8.49 -12.79 13.38
CA LEU B 206 -7.53 -11.81 12.89
C LEU B 206 -7.98 -10.36 13.07
N GLN B 207 -9.27 -10.15 13.32
CA GLN B 207 -9.79 -8.81 13.55
C GLN B 207 -9.27 -8.21 14.85
N ALA B 208 -9.09 -6.90 14.88
CA ALA B 208 -8.69 -6.21 16.12
C ALA B 208 -9.88 -6.08 17.05
N MET B 209 -11.07 -5.96 16.47
CA MET B 209 -12.30 -5.93 17.25
CA MET B 209 -12.33 -5.91 17.22
C MET B 209 -13.14 -7.14 16.89
N LYS B 210 -13.81 -7.71 17.89
CA LYS B 210 -14.54 -8.92 17.63
C LYS B 210 -15.97 -8.67 17.16
N GLY B 211 -16.59 -9.72 16.65
CA GLY B 211 -17.91 -9.63 16.07
C GLY B 211 -17.93 -9.92 14.59
N LYS B 212 -19.06 -10.39 14.08
CA LYS B 212 -19.24 -10.57 12.65
CA LYS B 212 -19.24 -10.57 12.65
C LYS B 212 -19.58 -9.24 12.00
N GLY B 213 -18.87 -8.89 10.94
CA GLY B 213 -19.17 -7.69 10.19
C GLY B 213 -20.59 -7.76 9.65
N GLN B 214 -21.26 -6.62 9.57
CA GLN B 214 -22.66 -6.57 9.14
C GLN B 214 -22.83 -5.65 7.93
N PRO B 215 -23.88 -5.87 7.14
CA PRO B 215 -24.06 -5.00 5.97
C PRO B 215 -24.10 -3.50 6.31
N GLU B 216 -24.68 -3.16 7.45
CA GLU B 216 -24.75 -1.77 7.91
C GLU B 216 -23.35 -1.17 8.15
N HIS B 217 -22.39 -1.99 8.54
CA HIS B 217 -21.02 -1.52 8.73
C HIS B 217 -20.47 -0.91 7.45
N ILE B 218 -20.87 -1.49 6.32
CA ILE B 218 -20.42 -1.01 5.02
C ILE B 218 -21.30 0.13 4.51
N ALA B 219 -22.62 -0.03 4.67
CA ALA B 219 -23.56 0.99 4.23
C ALA B 219 -23.27 2.35 4.85
N ASP B 220 -22.86 2.36 6.12
CA ASP B 220 -22.64 3.62 6.82
C ASP B 220 -21.38 4.32 6.34
N VAL B 221 -20.41 3.54 5.85
CA VAL B 221 -19.21 4.12 5.25
C VAL B 221 -19.52 4.64 3.86
N VAL B 222 -20.31 3.91 3.09
CA VAL B 222 -20.71 4.38 1.78
C VAL B 222 -21.49 5.70 1.88
N SER B 223 -22.32 5.82 2.92
CA SER B 223 -23.01 7.09 3.22
C SER B 223 -22.04 8.26 3.30
N PHE B 224 -20.97 8.08 4.06
CA PHE B 224 -19.95 9.12 4.17
C PHE B 224 -19.35 9.45 2.80
N LEU B 225 -18.96 8.41 2.06
CA LEU B 225 -18.33 8.63 0.75
C LEU B 225 -19.27 9.31 -0.26
N ALA B 226 -20.57 9.15 -0.07
CA ALA B 226 -21.57 9.81 -0.93
C ALA B 226 -21.82 11.26 -0.52
N SER B 227 -21.36 11.64 0.67
CA SER B 227 -21.66 12.95 1.25
C SER B 227 -20.63 14.00 0.85
N ASP B 228 -20.95 15.25 1.15
CA ASP B 228 -20.02 16.34 0.88
CA ASP B 228 -20.05 16.37 0.92
C ASP B 228 -18.82 16.28 1.83
N ASP B 229 -18.94 15.53 2.93
CA ASP B 229 -17.82 15.41 3.86
C ASP B 229 -16.62 14.71 3.22
N ALA B 230 -16.88 13.96 2.15
CA ALA B 230 -15.82 13.23 1.44
C ALA B 230 -15.36 13.93 0.17
N ARG B 231 -15.67 15.22 0.04
CA ARG B 231 -15.43 15.94 -1.23
C ARG B 231 -13.95 16.04 -1.66
N TRP B 232 -13.03 15.93 -0.69
CA TRP B 232 -11.61 16.04 -1.00
C TRP B 232 -10.96 14.68 -1.18
N ILE B 233 -11.76 13.62 -1.12
CA ILE B 233 -11.25 12.26 -1.30
C ILE B 233 -11.58 11.74 -2.69
N THR B 234 -10.55 11.42 -3.46
CA THR B 234 -10.78 10.76 -4.75
C THR B 234 -9.61 9.88 -5.12
N GLY B 235 -9.90 8.71 -5.68
CA GLY B 235 -8.88 7.78 -6.10
C GLY B 235 -8.42 6.85 -4.98
N GLN B 236 -9.16 6.84 -3.87
CA GLN B 236 -8.72 6.17 -2.66
C GLN B 236 -9.54 4.93 -2.37
N THR B 237 -9.00 4.06 -1.52
CA THR B 237 -9.68 2.83 -1.14
C THR B 237 -9.74 2.80 0.38
N LEU B 238 -10.95 2.69 0.90
CA LEU B 238 -11.17 2.69 2.34
CA LEU B 238 -11.17 2.69 2.35
C LEU B 238 -11.53 1.29 2.78
N ASN B 239 -10.71 0.72 3.66
CA ASN B 239 -10.85 -0.67 4.08
C ASN B 239 -11.67 -0.74 5.37
N VAL B 240 -12.71 -1.57 5.36
CA VAL B 240 -13.70 -1.57 6.44
C VAL B 240 -13.88 -3.02 6.89
N ASP B 241 -13.11 -3.42 7.92
CA ASP B 241 -13.00 -4.84 8.22
C ASP B 241 -12.60 -5.12 9.65
N ALA B 242 -12.86 -4.17 10.55
CA ALA B 242 -12.52 -4.32 11.95
C ALA B 242 -11.03 -4.67 12.14
N GLY B 243 -10.21 -4.31 11.17
CA GLY B 243 -8.77 -4.50 11.30
C GLY B 243 -8.18 -5.83 10.86
N MET B 244 -8.89 -6.62 10.06
CA MET B 244 -8.29 -7.88 9.62
C MET B 244 -7.00 -7.61 8.88
N VAL B 245 -7.01 -6.61 8.01
CA VAL B 245 -5.76 -6.13 7.41
C VAL B 245 -5.63 -4.63 7.67
N ARG B 246 -4.45 -4.09 7.40
CA ARG B 246 -4.18 -2.69 7.69
C ARG B 246 -3.81 -1.95 6.42
N HIS B 247 -4.70 -1.07 5.98
CA HIS B 247 -4.50 -0.26 4.81
C HIS B 247 -4.56 1.20 5.25
N THR C 1 29.09 -20.80 -15.61
CA THR C 1 27.81 -21.21 -15.05
C THR C 1 27.60 -20.58 -13.66
N GLU C 2 26.42 -20.06 -13.25
CA GLU C 2 25.16 -19.92 -14.00
CA GLU C 2 25.16 -19.99 -14.02
C GLU C 2 23.99 -20.36 -13.11
N ARG C 3 23.43 -19.40 -12.38
CA ARG C 3 22.39 -19.68 -11.39
C ARG C 3 21.20 -20.55 -11.88
N LEU C 4 20.79 -20.38 -13.13
CA LEU C 4 19.59 -21.05 -13.63
C LEU C 4 19.88 -22.28 -14.50
N ALA C 5 21.11 -22.80 -14.41
CA ALA C 5 21.48 -23.97 -15.20
C ALA C 5 20.51 -25.12 -14.96
N GLY C 6 20.00 -25.70 -16.05
CA GLY C 6 19.08 -26.82 -15.96
C GLY C 6 17.63 -26.42 -15.83
N LYS C 7 17.38 -25.11 -15.71
CA LYS C 7 16.04 -24.59 -15.57
C LYS C 7 15.48 -24.18 -16.92
N THR C 8 14.15 -24.20 -17.02
CA THR C 8 13.45 -23.76 -18.22
C THR C 8 12.54 -22.60 -17.85
N ALA C 9 12.64 -21.50 -18.59
CA ALA C 9 11.80 -20.33 -18.33
C ALA C 9 10.99 -20.00 -19.59
N LEU C 10 9.69 -19.75 -19.42
CA LEU C 10 8.87 -19.27 -20.51
C LEU C 10 8.65 -17.78 -20.33
N VAL C 11 8.90 -17.00 -21.39
CA VAL C 11 8.59 -15.58 -21.36
C VAL C 11 7.62 -15.29 -22.49
N THR C 12 6.43 -14.82 -22.16
CA THR C 12 5.45 -14.46 -23.19
C THR C 12 5.69 -13.02 -23.67
N GLY C 13 5.25 -12.71 -24.89
CA GLY C 13 5.47 -11.39 -25.47
C GLY C 13 6.94 -11.04 -25.64
N ALA C 14 7.76 -12.04 -25.95
CA ALA C 14 9.21 -11.88 -25.88
C ALA C 14 9.87 -11.56 -27.23
N ALA C 15 9.07 -11.21 -28.23
CA ALA C 15 9.60 -10.87 -29.55
C ALA C 15 10.35 -9.54 -29.55
N GLN C 16 9.96 -8.66 -28.63
CA GLN C 16 10.57 -7.34 -28.56
C GLN C 16 10.42 -6.77 -27.15
N GLY C 17 10.97 -5.58 -26.96
CA GLY C 17 10.71 -4.82 -25.74
C GLY C 17 11.24 -5.49 -24.49
N ILE C 18 10.52 -5.30 -23.40
CA ILE C 18 10.92 -5.82 -22.10
C ILE C 18 11.00 -7.35 -22.11
N GLY C 19 10.07 -7.98 -22.80
CA GLY C 19 10.02 -9.44 -22.85
C GLY C 19 11.28 -10.00 -23.47
N LYS C 20 11.74 -9.42 -24.57
CA LYS C 20 12.98 -9.87 -25.18
C LYS C 20 14.14 -9.72 -24.20
N ALA C 21 14.22 -8.56 -23.55
CA ALA C 21 15.28 -8.30 -22.58
C ALA C 21 15.27 -9.31 -21.42
N ILE C 22 14.07 -9.62 -20.92
CA ILE C 22 13.93 -10.63 -19.87
C ILE C 22 14.47 -11.98 -20.35
N ALA C 23 14.01 -12.42 -21.51
CA ALA C 23 14.43 -13.69 -22.07
C ALA C 23 15.95 -13.74 -22.23
N ALA C 24 16.54 -12.65 -22.70
CA ALA C 24 17.98 -12.56 -22.87
C ALA C 24 18.71 -12.73 -21.54
N ARG C 25 18.21 -12.05 -20.51
CA ARG C 25 18.86 -12.09 -19.21
C ARG C 25 18.74 -13.48 -18.56
N LEU C 26 17.56 -14.08 -18.66
CA LEU C 26 17.37 -15.40 -18.07
C LEU C 26 18.24 -16.43 -18.78
N ALA C 27 18.48 -16.23 -20.07
CA ALA C 27 19.40 -17.09 -20.81
C ALA C 27 20.84 -16.89 -20.32
N ALA C 28 21.22 -15.64 -20.12
CA ALA C 28 22.54 -15.32 -19.58
C ALA C 28 22.73 -15.97 -18.21
N ASP C 29 21.65 -16.02 -17.43
CA ASP C 29 21.66 -16.69 -16.13
C ASP C 29 21.75 -18.22 -16.25
N GLY C 30 21.65 -18.74 -17.47
CA GLY C 30 21.78 -20.17 -17.67
C GLY C 30 20.53 -20.98 -18.01
N ALA C 31 19.35 -20.36 -17.99
CA ALA C 31 18.13 -21.08 -18.27
C ALA C 31 18.00 -21.38 -19.75
N THR C 32 17.33 -22.49 -20.06
CA THR C 32 16.78 -22.71 -21.39
C THR C 32 15.55 -21.82 -21.45
N VAL C 33 15.44 -20.97 -22.45
CA VAL C 33 14.33 -20.03 -22.48
CA VAL C 33 14.34 -20.01 -22.49
C VAL C 33 13.39 -20.26 -23.66
N ILE C 34 12.10 -20.33 -23.36
CA ILE C 34 11.09 -20.40 -24.40
C ILE C 34 10.64 -18.97 -24.70
N VAL C 35 10.96 -18.52 -25.91
CA VAL C 35 10.59 -17.19 -26.39
C VAL C 35 9.25 -17.30 -27.11
N SER C 36 8.20 -16.78 -26.48
CA SER C 36 6.88 -16.92 -27.06
C SER C 36 6.28 -15.55 -27.36
N ASP C 37 5.60 -15.44 -28.48
CA ASP C 37 4.96 -14.19 -28.87
C ASP C 37 3.86 -14.53 -29.86
N ILE C 38 2.86 -13.67 -29.96
CA ILE C 38 1.81 -13.87 -30.95
C ILE C 38 2.40 -13.68 -32.34
N ASN C 39 3.46 -12.87 -32.42
CA ASN C 39 4.18 -12.64 -33.67
C ASN C 39 5.21 -13.76 -33.86
N ALA C 40 4.88 -14.72 -34.71
CA ALA C 40 5.67 -15.92 -34.87
C ALA C 40 7.07 -15.62 -35.40
N GLU C 41 7.14 -14.78 -36.43
CA GLU C 41 8.44 -14.45 -37.00
C GLU C 41 9.26 -13.62 -36.00
N GLY C 42 8.58 -12.76 -35.25
CA GLY C 42 9.23 -11.99 -34.20
C GLY C 42 9.81 -12.88 -33.11
N ALA C 43 9.06 -13.92 -32.73
CA ALA C 43 9.54 -14.85 -31.74
C ALA C 43 10.80 -15.57 -32.24
N LYS C 44 10.77 -16.01 -33.50
CA LYS C 44 11.94 -16.68 -34.09
C LYS C 44 13.16 -15.78 -34.10
N ALA C 45 12.96 -14.53 -34.49
CA ALA C 45 14.04 -13.55 -34.55
C ALA C 45 14.61 -13.28 -33.17
N ALA C 46 13.74 -13.15 -32.16
CA ALA C 46 14.25 -12.93 -30.80
C ALA C 46 15.00 -14.14 -30.25
N ALA C 47 14.52 -15.34 -30.52
CA ALA C 47 15.23 -16.54 -30.06
C ALA C 47 16.61 -16.57 -30.69
N ALA C 48 16.69 -16.19 -31.97
CA ALA C 48 17.97 -16.17 -32.67
C ALA C 48 18.92 -15.15 -32.04
N SER C 49 18.36 -14.03 -31.57
CA SER C 49 19.16 -12.98 -30.94
C SER C 49 19.77 -13.48 -29.63
N ILE C 50 19.11 -14.46 -29.03
CA ILE C 50 19.57 -14.99 -27.75
C ILE C 50 20.55 -16.14 -27.95
N GLY C 51 20.30 -16.99 -28.94
CA GLY C 51 21.22 -18.07 -29.24
C GLY C 51 20.73 -19.47 -28.92
N LYS C 52 21.69 -20.37 -28.67
CA LYS C 52 21.41 -21.80 -28.57
C LYS C 52 20.50 -22.17 -27.40
N LYS C 53 20.46 -21.33 -26.38
CA LYS C 53 19.63 -21.62 -25.21
CA LYS C 53 19.64 -21.60 -25.20
C LYS C 53 18.17 -21.19 -25.38
N ALA C 54 17.85 -20.57 -26.51
CA ALA C 54 16.47 -20.12 -26.75
C ALA C 54 15.74 -20.96 -27.80
N ARG C 55 14.43 -21.14 -27.57
CA ARG C 55 13.56 -21.77 -28.56
C ARG C 55 12.32 -20.92 -28.73
N ALA C 56 11.98 -20.58 -29.98
CA ALA C 56 10.78 -19.79 -30.24
C ALA C 56 9.54 -20.66 -30.42
N ILE C 57 8.46 -20.31 -29.74
CA ILE C 57 7.17 -20.98 -29.92
C ILE C 57 6.07 -19.93 -29.91
N ALA C 58 5.37 -19.79 -31.03
CA ALA C 58 4.32 -18.78 -31.13
C ALA C 58 3.09 -19.15 -30.33
N ALA C 59 2.47 -18.15 -29.73
CA ALA C 59 1.20 -18.32 -29.00
C ALA C 59 0.52 -16.98 -28.79
N ASP C 60 -0.81 -17.00 -28.85
CA ASP C 60 -1.66 -15.89 -28.46
C ASP C 60 -2.13 -16.20 -27.04
N ILE C 61 -1.67 -15.41 -26.06
CA ILE C 61 -1.99 -15.75 -24.67
C ILE C 61 -3.48 -15.69 -24.35
N SER C 62 -4.26 -15.01 -25.20
CA SER C 62 -5.70 -14.86 -24.95
C SER C 62 -6.50 -16.04 -25.50
N ASP C 63 -5.80 -16.93 -26.20
CA ASP C 63 -6.43 -18.05 -26.90
C ASP C 63 -6.08 -19.36 -26.18
N PRO C 64 -7.07 -20.00 -25.53
CA PRO C 64 -6.76 -21.19 -24.74
C PRO C 64 -6.13 -22.29 -25.56
N GLY C 65 -6.63 -22.51 -26.77
CA GLY C 65 -6.06 -23.56 -27.60
C GLY C 65 -4.61 -23.30 -27.91
N SER C 66 -4.29 -22.04 -28.22
CA SER C 66 -2.93 -21.67 -28.59
C SER C 66 -1.99 -21.87 -27.41
N VAL C 67 -2.47 -21.50 -26.22
CA VAL C 67 -1.65 -21.64 -25.03
C VAL C 67 -1.42 -23.10 -24.64
N LYS C 68 -2.45 -23.93 -24.78
CA LYS C 68 -2.29 -25.34 -24.48
C LYS C 68 -1.31 -25.99 -25.46
N ALA C 69 -1.37 -25.59 -26.72
CA ALA C 69 -0.41 -26.13 -27.69
C ALA C 69 1.02 -25.68 -27.35
N LEU C 70 1.16 -24.42 -26.93
CA LEU C 70 2.45 -23.92 -26.48
C LEU C 70 3.04 -24.81 -25.38
N PHE C 71 2.24 -25.10 -24.37
CA PHE C 71 2.77 -25.87 -23.24
C PHE C 71 3.01 -27.34 -23.59
N ALA C 72 2.20 -27.87 -24.51
CA ALA C 72 2.41 -29.24 -24.98
C ALA C 72 3.77 -29.35 -25.65
N GLU C 73 4.12 -28.35 -26.46
CA GLU C 73 5.41 -28.32 -27.12
C GLU C 73 6.54 -28.15 -26.09
N ILE C 74 6.36 -27.26 -25.14
CA ILE C 74 7.38 -27.06 -24.12
C ILE C 74 7.65 -28.36 -23.37
N GLN C 75 6.59 -29.07 -23.01
CA GLN C 75 6.73 -30.31 -22.27
C GLN C 75 7.60 -31.29 -23.03
N ALA C 76 7.39 -31.39 -24.34
CA ALA C 76 8.17 -32.31 -25.17
C ALA C 76 9.63 -31.90 -25.30
N LEU C 77 9.89 -30.60 -25.33
CA LEU C 77 11.24 -30.08 -25.53
C LEU C 77 12.08 -30.14 -24.27
N THR C 78 11.49 -29.84 -23.12
CA THR C 78 12.28 -29.58 -21.92
C THR C 78 11.81 -30.33 -20.68
N GLY C 79 10.62 -30.93 -20.76
CA GLY C 79 10.06 -31.61 -19.62
C GLY C 79 9.19 -30.71 -18.77
N GLY C 80 9.06 -29.44 -19.17
CA GLY C 80 8.18 -28.51 -18.47
C GLY C 80 8.90 -27.31 -17.88
N ILE C 81 8.17 -26.20 -17.70
CA ILE C 81 8.80 -24.99 -17.18
C ILE C 81 9.06 -25.04 -15.70
N ASP C 82 10.10 -24.33 -15.28
CA ASP C 82 10.37 -24.06 -13.88
C ASP C 82 9.93 -22.65 -13.57
N ILE C 83 10.05 -21.77 -14.57
CA ILE C 83 9.81 -20.34 -14.39
C ILE C 83 8.84 -19.83 -15.45
N LEU C 84 7.83 -19.08 -15.02
CA LEU C 84 6.92 -18.42 -15.95
C LEU C 84 7.01 -16.92 -15.78
N VAL C 85 7.30 -16.20 -16.87
CA VAL C 85 7.22 -14.74 -16.87
C VAL C 85 6.06 -14.26 -17.74
N ASN C 86 4.98 -13.78 -17.10
CA ASN C 86 3.83 -13.28 -17.83
C ASN C 86 4.11 -11.85 -18.24
N ASN C 87 4.59 -11.68 -19.46
CA ASN C 87 5.00 -10.36 -19.94
C ASN C 87 4.13 -9.79 -21.05
N ALA C 88 3.54 -10.66 -21.87
CA ALA C 88 2.68 -10.21 -22.96
C ALA C 88 1.53 -9.31 -22.48
N SER C 89 1.29 -8.23 -23.23
CA SER C 89 0.16 -7.34 -22.98
C SER C 89 0.09 -6.33 -24.11
N ILE C 90 -1.09 -5.75 -24.28
CA ILE C 90 -1.27 -4.58 -25.12
C ILE C 90 -1.08 -3.36 -24.23
N VAL C 91 -0.30 -2.39 -24.72
CA VAL C 91 -0.05 -1.16 -23.96
C VAL C 91 -0.65 0.01 -24.74
N PRO C 92 -1.91 0.35 -24.45
CA PRO C 92 -2.65 1.30 -25.27
C PRO C 92 -2.45 2.73 -24.81
N PHE C 93 -2.75 3.67 -25.70
CA PHE C 93 -2.90 5.07 -25.32
C PHE C 93 -4.27 5.48 -25.79
N VAL C 94 -5.18 5.71 -24.86
CA VAL C 94 -6.57 5.91 -25.24
C VAL C 94 -7.24 6.91 -24.32
N ALA C 95 -7.72 8.02 -24.88
CA ALA C 95 -8.43 9.02 -24.07
C ALA C 95 -9.64 8.36 -23.43
N TRP C 96 -9.99 8.81 -22.22
CA TRP C 96 -11.12 8.20 -21.51
C TRP C 96 -12.37 8.08 -22.37
N ASP C 97 -12.71 9.14 -23.09
CA ASP C 97 -13.96 9.09 -23.85
C ASP C 97 -13.91 8.15 -25.07
N ASP C 98 -12.72 7.63 -25.36
CA ASP C 98 -12.54 6.60 -26.38
C ASP C 98 -12.47 5.20 -25.78
N VAL C 99 -12.54 5.11 -24.45
CA VAL C 99 -12.58 3.81 -23.80
C VAL C 99 -14.01 3.27 -23.85
N ASP C 100 -14.30 2.48 -24.89
CA ASP C 100 -15.59 1.86 -25.02
C ASP C 100 -15.52 0.38 -24.66
N LEU C 101 -16.67 -0.30 -24.70
CA LEU C 101 -16.70 -1.69 -24.27
C LEU C 101 -15.80 -2.59 -25.13
N ASP C 102 -15.75 -2.34 -26.43
CA ASP C 102 -14.90 -3.17 -27.30
C ASP C 102 -13.44 -3.04 -26.88
N HIS C 103 -13.01 -1.81 -26.60
CA HIS C 103 -11.64 -1.59 -26.18
C HIS C 103 -11.38 -2.24 -24.82
N TRP C 104 -12.27 -1.98 -23.87
CA TRP C 104 -12.16 -2.56 -22.54
C TRP C 104 -12.01 -4.07 -22.61
N ARG C 105 -12.93 -4.73 -23.32
CA ARG C 105 -12.90 -6.18 -23.42
C ARG C 105 -11.60 -6.70 -24.00
N LYS C 106 -11.08 -6.04 -25.04
CA LYS C 106 -9.85 -6.50 -25.67
C LYS C 106 -8.68 -6.42 -24.69
N ILE C 107 -8.55 -5.30 -23.98
CA ILE C 107 -7.47 -5.12 -23.04
C ILE C 107 -7.57 -6.11 -21.88
N ILE C 108 -8.76 -6.26 -21.33
CA ILE C 108 -8.94 -7.21 -20.23
C ILE C 108 -8.69 -8.65 -20.73
N ASP C 109 -9.17 -8.96 -21.93
CA ASP C 109 -9.03 -10.31 -22.45
CA ASP C 109 -9.03 -10.31 -22.48
C ASP C 109 -7.58 -10.73 -22.63
N VAL C 110 -6.76 -9.84 -23.18
CA VAL C 110 -5.37 -10.15 -23.36
C VAL C 110 -4.59 -10.01 -22.07
N ASN C 111 -4.64 -8.83 -21.45
CA ASN C 111 -3.72 -8.51 -20.38
C ASN C 111 -4.01 -9.22 -19.06
N LEU C 112 -5.30 -9.48 -18.81
CA LEU C 112 -5.70 -10.10 -17.56
C LEU C 112 -6.10 -11.56 -17.77
N THR C 113 -7.07 -11.79 -18.65
CA THR C 113 -7.51 -13.17 -18.89
C THR C 113 -6.42 -14.03 -19.52
N GLY C 114 -5.66 -13.46 -20.45
CA GLY C 114 -4.55 -14.19 -21.04
C GLY C 114 -3.54 -14.60 -19.97
N THR C 115 -3.32 -13.71 -19.01
CA THR C 115 -2.41 -13.98 -17.92
C THR C 115 -2.91 -15.18 -17.12
N PHE C 116 -4.22 -15.24 -16.88
CA PHE C 116 -4.79 -16.40 -16.24
C PHE C 116 -4.61 -17.68 -17.06
N ILE C 117 -4.93 -17.60 -18.35
CA ILE C 117 -4.83 -18.78 -19.21
C ILE C 117 -3.42 -19.37 -19.19
N VAL C 118 -2.43 -18.52 -19.36
CA VAL C 118 -1.04 -18.95 -19.35
C VAL C 118 -0.63 -19.49 -17.98
N THR C 119 -1.07 -18.81 -16.92
CA THR C 119 -0.68 -19.20 -15.56
C THR C 119 -1.33 -20.52 -15.14
N ARG C 120 -2.60 -20.68 -15.51
CA ARG C 120 -3.33 -21.93 -15.30
C ARG C 120 -2.53 -23.10 -15.88
N ALA C 121 -2.26 -23.04 -17.18
CA ALA C 121 -1.53 -24.12 -17.86
C ALA C 121 -0.10 -24.26 -17.34
N GLY C 122 0.56 -23.13 -17.11
CA GLY C 122 1.95 -23.13 -16.71
C GLY C 122 2.20 -23.70 -15.33
N THR C 123 1.37 -23.31 -14.38
CA THR C 123 1.52 -23.84 -13.03
C THR C 123 1.03 -25.27 -12.92
N ASP C 124 0.04 -25.64 -13.74
CA ASP C 124 -0.38 -27.03 -13.81
C ASP C 124 0.78 -27.86 -14.35
N GLN C 125 1.51 -27.31 -15.32
CA GLN C 125 2.67 -28.01 -15.88
C GLN C 125 3.79 -28.16 -14.84
N MET C 126 4.05 -27.11 -14.09
CA MET C 126 5.05 -27.20 -13.02
C MET C 126 4.70 -28.32 -12.06
N ARG C 127 3.44 -28.36 -11.66
CA ARG C 127 3.00 -29.33 -10.66
C ARG C 127 3.07 -30.75 -11.19
N ALA C 128 2.63 -30.94 -12.43
CA ALA C 128 2.67 -32.29 -13.04
C ALA C 128 4.11 -32.80 -13.13
N ALA C 129 5.05 -31.88 -13.31
CA ALA C 129 6.45 -32.23 -13.47
C ALA C 129 7.16 -32.35 -12.12
N GLY C 130 6.47 -32.01 -11.04
CA GLY C 130 7.06 -32.03 -9.72
C GLY C 130 8.13 -30.97 -9.54
N LYS C 131 7.96 -29.83 -10.20
CA LYS C 131 8.93 -28.75 -10.11
C LYS C 131 8.49 -27.64 -9.19
N ALA C 132 9.38 -27.14 -8.34
N ALA C 132 9.37 -27.25 -8.28
CA ALA C 132 9.06 -26.03 -7.44
CA ALA C 132 9.24 -26.01 -7.57
C ALA C 132 9.34 -24.66 -8.10
C ALA C 132 9.23 -24.98 -8.69
N GLY C 133 8.36 -24.15 -8.84
N GLY C 133 8.49 -23.90 -8.50
CA GLY C 133 8.59 -23.02 -9.73
CA GLY C 133 8.31 -22.97 -9.60
C GLY C 133 8.30 -21.60 -9.25
C GLY C 133 8.37 -21.52 -9.19
N ARG C 134 8.46 -20.67 -10.19
CA ARG C 134 8.38 -19.25 -9.94
C ARG C 134 7.48 -18.67 -11.01
N VAL C 135 6.44 -17.95 -10.58
CA VAL C 135 5.61 -17.18 -11.48
C VAL C 135 5.91 -15.71 -11.23
N ILE C 136 6.22 -15.00 -12.30
CA ILE C 136 6.54 -13.57 -12.20
C ILE C 136 5.70 -12.87 -13.24
N SER C 137 4.81 -11.97 -12.81
CA SER C 137 3.94 -11.31 -13.78
C SER C 137 4.28 -9.84 -13.86
N ILE C 138 4.32 -9.32 -15.08
CA ILE C 138 4.66 -7.92 -15.28
C ILE C 138 3.38 -7.11 -15.23
N ALA C 139 3.24 -6.27 -14.21
CA ALA C 139 2.09 -5.39 -14.10
C ALA C 139 2.51 -4.03 -14.61
N SER C 140 2.30 -2.98 -13.82
CA SER C 140 2.61 -1.60 -14.25
C SER C 140 2.46 -0.67 -13.06
N ASN C 141 3.37 0.30 -12.92
CA ASN C 141 3.21 1.26 -11.84
C ASN C 141 2.03 2.24 -12.05
N THR C 142 1.38 2.16 -13.20
CA THR C 142 0.15 2.94 -13.41
C THR C 142 -0.92 2.53 -12.40
N PHE C 143 -0.83 1.29 -11.89
CA PHE C 143 -1.73 0.85 -10.84
C PHE C 143 -1.60 1.71 -9.58
N PHE C 144 -0.38 2.15 -9.29
CA PHE C 144 -0.17 3.02 -8.13
C PHE C 144 -0.48 4.47 -8.45
N ALA C 145 -0.19 4.88 -9.68
CA ALA C 145 -0.24 6.30 -10.03
C ALA C 145 -1.61 6.76 -10.53
N GLY C 146 -2.41 5.83 -11.05
CA GLY C 146 -3.68 6.19 -11.66
C GLY C 146 -3.48 6.98 -12.95
N THR C 147 -2.44 6.62 -13.68
CA THR C 147 -2.06 7.25 -14.94
C THR C 147 -3.22 7.41 -15.94
N PRO C 148 -3.38 8.60 -16.53
CA PRO C 148 -4.46 8.80 -17.50
C PRO C 148 -4.18 8.18 -18.86
N ASN C 149 -5.22 8.11 -19.69
CA ASN C 149 -5.15 7.60 -21.07
C ASN C 149 -4.89 6.11 -21.17
N MET C 150 -5.25 5.38 -20.11
CA MET C 150 -5.00 3.95 -20.07
C MET C 150 -5.99 3.21 -19.18
N ALA C 151 -7.24 3.65 -19.11
CA ALA C 151 -8.12 3.20 -18.02
C ALA C 151 -8.32 1.69 -17.96
N ALA C 152 -8.55 1.05 -19.10
CA ALA C 152 -8.78 -0.39 -19.10
C ALA C 152 -7.50 -1.13 -18.72
N TYR C 153 -6.37 -0.60 -19.20
CA TYR C 153 -5.07 -1.17 -18.92
C TYR C 153 -4.77 -1.13 -17.43
N VAL C 154 -5.05 0.00 -16.78
CA VAL C 154 -4.80 0.11 -15.35
C VAL C 154 -5.66 -0.89 -14.58
N ALA C 155 -6.91 -1.04 -15.01
CA ALA C 155 -7.81 -2.04 -14.42
C ALA C 155 -7.22 -3.44 -14.59
N ALA C 156 -6.82 -3.77 -15.82
CA ALA C 156 -6.26 -5.09 -16.08
C ALA C 156 -5.01 -5.36 -15.24
N LYS C 157 -4.14 -4.37 -15.11
CA LYS C 157 -2.90 -4.54 -14.35
C LYS C 157 -3.18 -4.68 -12.85
N GLY C 158 -4.20 -3.97 -12.36
CA GLY C 158 -4.66 -4.17 -11.01
C GLY C 158 -5.16 -5.60 -10.82
N GLY C 159 -5.82 -6.13 -11.85
CA GLY C 159 -6.26 -7.51 -11.83
C GLY C 159 -5.11 -8.49 -11.73
N VAL C 160 -4.03 -8.22 -12.45
CA VAL C 160 -2.84 -9.06 -12.39
C VAL C 160 -2.23 -9.08 -11.00
N ILE C 161 -2.22 -7.93 -10.34
CA ILE C 161 -1.71 -7.85 -8.97
C ILE C 161 -2.61 -8.64 -8.01
N GLY C 162 -3.92 -8.45 -8.11
CA GLY C 162 -4.85 -9.23 -7.31
C GLY C 162 -4.67 -10.72 -7.54
N PHE C 163 -4.60 -11.10 -8.82
CA PHE C 163 -4.41 -12.50 -9.18
C PHE C 163 -3.14 -13.05 -8.54
N THR C 164 -2.07 -12.26 -8.62
CA THR C 164 -0.78 -12.65 -8.04
C THR C 164 -0.90 -12.92 -6.54
N ARG C 165 -1.61 -12.06 -5.83
CA ARG C 165 -1.73 -12.23 -4.39
C ARG C 165 -2.51 -13.47 -4.01
N ALA C 166 -3.58 -13.75 -4.76
CA ALA C 166 -4.38 -14.94 -4.48
C ALA C 166 -3.61 -16.19 -4.89
N LEU C 167 -2.93 -16.10 -6.02
CA LEU C 167 -2.19 -17.25 -6.54
C LEU C 167 -1.08 -17.69 -5.58
N ALA C 168 -0.42 -16.73 -4.95
CA ALA C 168 0.62 -17.06 -3.98
C ALA C 168 0.05 -17.94 -2.89
N THR C 169 -1.15 -17.61 -2.43
CA THR C 169 -1.80 -18.40 -1.39
C THR C 169 -2.17 -19.79 -1.89
N GLU C 170 -2.69 -19.86 -3.11
CA GLU C 170 -3.11 -21.15 -3.68
C GLU C 170 -1.94 -22.09 -3.92
N LEU C 171 -0.80 -21.56 -4.33
CA LEU C 171 0.27 -22.41 -4.84
C LEU C 171 1.46 -22.61 -3.91
N GLY C 172 1.49 -21.92 -2.77
CA GLY C 172 2.61 -22.05 -1.85
C GLY C 172 2.83 -23.50 -1.44
N LYS C 173 1.74 -24.25 -1.28
CA LYS C 173 1.85 -25.65 -0.83
C LYS C 173 2.57 -26.52 -1.87
N TYR C 174 2.63 -26.06 -3.12
CA TYR C 174 3.31 -26.79 -4.19
C TYR C 174 4.71 -26.27 -4.42
N ASN C 175 5.18 -25.43 -3.49
CA ASN C 175 6.49 -24.79 -3.57
CA ASN C 175 6.50 -24.83 -3.60
C ASN C 175 6.63 -23.96 -4.84
N ILE C 176 5.58 -23.24 -5.17
CA ILE C 176 5.60 -22.30 -6.28
C ILE C 176 5.33 -20.91 -5.70
N THR C 177 6.20 -19.95 -5.99
CA THR C 177 5.97 -18.57 -5.56
C THR C 177 5.36 -17.79 -6.72
N ALA C 178 4.68 -16.70 -6.39
CA ALA C 178 4.07 -15.85 -7.39
C ALA C 178 4.24 -14.41 -6.96
N ASN C 179 4.93 -13.63 -7.79
CA ASN C 179 5.20 -12.23 -7.50
C ASN C 179 4.92 -11.40 -8.73
N ALA C 180 4.83 -10.08 -8.54
CA ALA C 180 4.59 -9.18 -9.65
C ALA C 180 5.68 -8.11 -9.68
N VAL C 181 5.98 -7.58 -10.87
CA VAL C 181 6.85 -6.42 -11.01
C VAL C 181 6.01 -5.30 -11.59
N THR C 182 6.14 -4.09 -11.05
CA THR C 182 5.49 -2.93 -11.65
C THR C 182 6.54 -1.99 -12.25
N PRO C 183 6.80 -2.14 -13.56
CA PRO C 183 7.73 -1.18 -14.18
C PRO C 183 7.11 0.20 -14.23
N GLY C 184 7.94 1.23 -14.18
CA GLY C 184 7.53 2.57 -14.58
C GLY C 184 7.69 2.68 -16.09
N LEU C 185 7.63 3.90 -16.63
CA LEU C 185 7.75 4.05 -18.07
C LEU C 185 9.13 3.58 -18.54
N ILE C 186 9.13 2.74 -19.57
CA ILE C 186 10.36 2.14 -20.08
C ILE C 186 10.46 2.40 -21.58
N GLU C 187 11.66 2.72 -22.03
CA GLU C 187 11.88 3.04 -23.44
C GLU C 187 11.97 1.74 -24.26
N SER C 188 10.87 0.99 -24.28
CA SER C 188 10.82 -0.26 -25.02
C SER C 188 10.52 0.00 -26.47
N ASP C 189 10.74 -1.02 -27.30
CA ASP C 189 10.35 -0.96 -28.70
C ASP C 189 8.92 -0.42 -28.83
N GLY C 190 8.00 -0.98 -28.06
CA GLY C 190 6.61 -0.58 -28.13
C GLY C 190 6.32 0.85 -27.70
N VAL C 191 6.97 1.31 -26.64
CA VAL C 191 6.75 2.68 -26.19
C VAL C 191 7.32 3.68 -27.18
N LYS C 192 8.45 3.35 -27.79
CA LYS C 192 9.06 4.25 -28.76
C LYS C 192 8.13 4.51 -29.96
N ALA C 193 7.23 3.56 -30.22
CA ALA C 193 6.32 3.67 -31.36
C ALA C 193 4.93 4.14 -30.95
N SER C 194 4.79 4.65 -29.72
CA SER C 194 3.47 5.06 -29.23
C SER C 194 3.52 6.46 -28.61
N PRO C 195 2.35 7.05 -28.34
CA PRO C 195 2.32 8.38 -27.71
C PRO C 195 2.92 8.39 -26.30
N HIS C 196 3.12 7.23 -25.70
CA HIS C 196 3.78 7.21 -24.41
C HIS C 196 5.22 7.68 -24.52
N ASN C 197 5.78 7.65 -25.72
CA ASN C 197 7.15 8.12 -25.90
C ASN C 197 7.26 9.58 -25.48
N GLU C 198 6.13 10.29 -25.56
CA GLU C 198 6.13 11.71 -25.20
C GLU C 198 6.02 11.97 -23.71
N ALA C 199 5.87 10.90 -22.92
CA ALA C 199 5.69 11.05 -21.48
C ALA C 199 6.99 11.11 -20.70
N PHE C 200 8.12 10.90 -21.35
CA PHE C 200 9.38 10.84 -20.61
C PHE C 200 9.70 12.10 -19.83
N GLY C 201 9.37 13.26 -20.40
CA GLY C 201 9.64 14.50 -19.69
C GLY C 201 8.96 14.57 -18.34
N PHE C 202 7.67 14.30 -18.34
CA PHE C 202 6.88 14.31 -17.11
C PHE C 202 7.32 13.21 -16.15
N VAL C 203 7.48 12.00 -16.67
CA VAL C 203 7.90 10.89 -15.82
C VAL C 203 9.28 11.11 -15.18
N GLU C 204 10.26 11.54 -15.98
CA GLU C 204 11.58 11.84 -15.42
C GLU C 204 11.52 12.93 -14.36
N MET C 205 10.64 13.91 -14.55
CA MET C 205 10.50 14.98 -13.57
C MET C 205 10.09 14.41 -12.21
N LEU C 206 9.22 13.41 -12.23
CA LEU C 206 8.75 12.78 -10.98
C LEU C 206 9.72 11.75 -10.41
N GLN C 207 10.55 11.16 -11.25
CA GLN C 207 11.57 10.19 -10.80
C GLN C 207 12.58 10.81 -9.83
N ALA C 208 13.00 10.03 -8.83
CA ALA C 208 14.06 10.45 -7.91
C ALA C 208 15.40 10.45 -8.61
N MET C 209 15.61 9.46 -9.47
CA MET C 209 16.83 9.40 -10.27
CA MET C 209 16.82 9.38 -10.29
C MET C 209 16.48 9.69 -11.72
N LYS C 210 17.36 10.38 -12.42
CA LYS C 210 17.02 10.77 -13.78
C LYS C 210 17.47 9.74 -14.81
N GLY C 211 16.98 9.89 -16.04
CA GLY C 211 17.20 8.93 -17.10
C GLY C 211 15.93 8.23 -17.55
N LYS C 212 15.93 7.78 -18.80
CA LYS C 212 14.82 6.99 -19.31
CA LYS C 212 14.82 6.98 -19.32
C LYS C 212 15.00 5.53 -18.89
N GLY C 213 13.94 4.95 -18.32
CA GLY C 213 13.98 3.56 -17.92
C GLY C 213 14.24 2.71 -19.15
N GLN C 214 14.99 1.62 -18.97
CA GLN C 214 15.35 0.76 -20.08
C GLN C 214 14.85 -0.66 -19.85
N PRO C 215 14.70 -1.44 -20.92
CA PRO C 215 14.23 -2.82 -20.72
C PRO C 215 15.11 -3.62 -19.76
N GLU C 216 16.42 -3.39 -19.80
CA GLU C 216 17.33 -4.11 -18.92
C GLU C 216 17.08 -3.81 -17.45
N HIS C 217 16.55 -2.61 -17.16
CA HIS C 217 16.22 -2.26 -15.78
C HIS C 217 15.19 -3.22 -15.19
N ILE C 218 14.29 -3.69 -16.05
CA ILE C 218 13.25 -4.60 -15.62
C ILE C 218 13.75 -6.03 -15.70
N ALA C 219 14.45 -6.35 -16.79
CA ALA C 219 14.99 -7.70 -16.97
C ALA C 219 15.86 -8.12 -15.79
N ASP C 220 16.63 -7.19 -15.27
CA ASP C 220 17.59 -7.51 -14.23
C ASP C 220 16.91 -7.77 -12.88
N VAL C 221 15.73 -7.17 -12.68
CA VAL C 221 14.93 -7.46 -11.49
C VAL C 221 14.20 -8.79 -11.65
N VAL C 222 13.71 -9.07 -12.85
CA VAL C 222 13.06 -10.34 -13.09
C VAL C 222 14.06 -11.48 -12.86
N SER C 223 15.31 -11.25 -13.24
CA SER C 223 16.38 -12.22 -12.99
C SER C 223 16.44 -12.55 -11.50
N PHE C 224 16.45 -11.52 -10.66
CA PHE C 224 16.45 -11.73 -9.22
C PHE C 224 15.24 -12.57 -8.77
N LEU C 225 14.05 -12.21 -9.25
CA LEU C 225 12.84 -12.90 -8.81
C LEU C 225 12.79 -14.35 -9.26
N ALA C 226 13.49 -14.66 -10.35
CA ALA C 226 13.56 -16.04 -10.85
C ALA C 226 14.57 -16.88 -10.09
N SER C 227 15.42 -16.22 -9.30
CA SER C 227 16.55 -16.89 -8.66
C SER C 227 16.22 -17.39 -7.25
N ASP C 228 17.13 -18.18 -6.69
CA ASP C 228 16.98 -18.68 -5.34
C ASP C 228 17.10 -17.57 -4.29
N ASP C 229 17.67 -16.44 -4.68
CA ASP C 229 17.82 -15.33 -3.74
C ASP C 229 16.46 -14.78 -3.34
N ALA C 230 15.44 -15.06 -4.16
CA ALA C 230 14.09 -14.55 -3.91
C ALA C 230 13.17 -15.63 -3.33
N ARG C 231 13.76 -16.72 -2.84
CA ARG C 231 12.97 -17.88 -2.44
C ARG C 231 11.98 -17.62 -1.29
N TRP C 232 12.23 -16.61 -0.48
CA TRP C 232 11.34 -16.31 0.65
C TRP C 232 10.34 -15.23 0.28
N ILE C 233 10.34 -14.79 -0.98
CA ILE C 233 9.39 -13.78 -1.44
C ILE C 233 8.25 -14.41 -2.24
N THR C 234 7.03 -14.25 -1.76
CA THR C 234 5.87 -14.68 -2.54
C THR C 234 4.67 -13.82 -2.18
N GLY C 235 3.85 -13.53 -3.18
CA GLY C 235 2.67 -12.70 -3.01
C GLY C 235 2.96 -11.20 -3.07
N GLN C 236 4.17 -10.84 -3.50
CA GLN C 236 4.63 -9.45 -3.38
C GLN C 236 4.69 -8.78 -4.73
N THR C 237 4.73 -7.45 -4.70
CA THR C 237 4.85 -6.63 -5.91
C THR C 237 6.05 -5.71 -5.75
N LEU C 238 6.97 -5.77 -6.71
CA LEU C 238 8.21 -5.01 -6.64
C LEU C 238 8.17 -3.94 -7.71
N ASN C 239 8.29 -2.68 -7.28
CA ASN C 239 8.11 -1.54 -8.15
C ASN C 239 9.46 -1.01 -8.63
N VAL C 240 9.62 -0.88 -9.95
CA VAL C 240 10.91 -0.63 -10.56
C VAL C 240 10.75 0.55 -11.52
N ASP C 241 10.98 1.76 -11.00
CA ASP C 241 10.59 2.97 -11.71
C ASP C 241 11.40 4.20 -11.34
N ALA C 242 12.61 3.98 -10.83
CA ALA C 242 13.48 5.09 -10.44
C ALA C 242 12.80 6.07 -9.46
N GLY C 243 11.80 5.56 -8.74
CA GLY C 243 11.14 6.30 -7.68
C GLY C 243 9.97 7.18 -8.08
N MET C 244 9.38 6.93 -9.26
CA MET C 244 8.23 7.77 -9.64
C MET C 244 7.13 7.66 -8.60
N VAL C 245 6.87 6.45 -8.13
CA VAL C 245 5.98 6.28 -6.98
C VAL C 245 6.70 5.48 -5.90
N ARG C 246 6.12 5.43 -4.70
CA ARG C 246 6.77 4.74 -3.59
C ARG C 246 5.91 3.62 -3.07
N HIS C 247 6.38 2.39 -3.26
CA HIS C 247 5.69 1.20 -2.79
C HIS C 247 6.67 0.46 -1.90
N THR D 1 -24.36 18.15 13.39
CA THR D 1 -25.13 16.91 13.36
C THR D 1 -25.84 16.67 14.68
N GLU D 2 -25.11 16.91 15.77
CA GLU D 2 -25.56 16.58 17.11
C GLU D 2 -25.36 15.10 17.42
N ARG D 3 -24.80 14.37 16.45
CA ARG D 3 -24.49 12.96 16.67
C ARG D 3 -23.46 12.79 17.78
N LEU D 4 -22.68 13.83 18.07
CA LEU D 4 -21.67 13.76 19.14
C LEU D 4 -22.12 14.39 20.45
N ALA D 5 -23.41 14.73 20.54
CA ALA D 5 -23.94 15.25 21.78
C ALA D 5 -23.59 14.34 22.94
N GLY D 6 -23.05 14.91 24.01
CA GLY D 6 -22.72 14.15 25.19
C GLY D 6 -21.34 13.51 25.14
N LYS D 7 -20.60 13.77 24.06
CA LYS D 7 -19.24 13.22 23.93
C LYS D 7 -18.23 14.33 24.13
N THR D 8 -17.03 13.95 24.57
CA THR D 8 -15.94 14.89 24.75
C THR D 8 -14.79 14.56 23.80
N ALA D 9 -14.30 15.55 23.09
CA ALA D 9 -13.20 15.33 22.16
C ALA D 9 -12.03 16.26 22.50
N LEU D 10 -10.82 15.71 22.55
CA LEU D 10 -9.62 16.52 22.68
C LEU D 10 -8.96 16.65 21.32
N VAL D 11 -8.68 17.87 20.89
CA VAL D 11 -7.90 18.10 19.68
C VAL D 11 -6.63 18.83 20.07
N THR D 12 -5.48 18.20 19.82
CA THR D 12 -4.20 18.87 20.06
C THR D 12 -3.78 19.72 18.86
N GLY D 13 -2.95 20.74 19.12
CA GLY D 13 -2.55 21.66 18.08
C GLY D 13 -3.73 22.42 17.47
N ALA D 14 -4.73 22.73 18.29
CA ALA D 14 -5.96 23.30 17.75
C ALA D 14 -6.03 24.82 17.79
N ALA D 15 -4.90 25.50 18.04
CA ALA D 15 -4.90 26.97 18.02
C ALA D 15 -5.17 27.54 16.63
N GLN D 16 -4.82 26.80 15.60
CA GLN D 16 -4.94 27.32 14.25
C GLN D 16 -4.99 26.18 13.25
N GLY D 17 -5.10 26.54 11.97
CA GLY D 17 -5.02 25.58 10.89
C GLY D 17 -5.98 24.42 10.97
N ILE D 18 -5.47 23.24 10.61
CA ILE D 18 -6.29 22.03 10.57
C ILE D 18 -6.89 21.70 11.93
N GLY D 19 -6.10 21.83 12.99
CA GLY D 19 -6.59 21.49 14.31
C GLY D 19 -7.77 22.35 14.74
N LYS D 20 -7.69 23.65 14.47
CA LYS D 20 -8.78 24.55 14.81
C LYS D 20 -10.04 24.14 14.06
N ALA D 21 -9.88 23.83 12.77
CA ALA D 21 -11.03 23.45 11.95
C ALA D 21 -11.64 22.14 12.42
N ILE D 22 -10.79 21.20 12.83
CA ILE D 22 -11.27 19.93 13.36
C ILE D 22 -12.09 20.19 14.61
N ALA D 23 -11.55 21.03 15.50
CA ALA D 23 -12.22 21.39 16.72
C ALA D 23 -13.59 22.04 16.46
N ALA D 24 -13.63 22.91 15.46
CA ALA D 24 -14.86 23.61 15.10
C ALA D 24 -15.91 22.64 14.59
N ARG D 25 -15.51 21.71 13.74
CA ARG D 25 -16.45 20.73 13.20
C ARG D 25 -16.98 19.75 14.27
N LEU D 26 -16.09 19.28 15.14
CA LEU D 26 -16.54 18.38 16.19
C LEU D 26 -17.51 19.07 17.13
N ALA D 27 -17.31 20.36 17.38
CA ALA D 27 -18.24 21.13 18.20
C ALA D 27 -19.58 21.29 17.49
N ALA D 28 -19.55 21.52 16.18
CA ALA D 28 -20.77 21.63 15.40
C ALA D 28 -21.53 20.31 15.42
N ASP D 29 -20.78 19.21 15.47
CA ASP D 29 -21.36 17.86 15.58
C ASP D 29 -21.98 17.62 16.96
N GLY D 30 -21.75 18.53 17.90
CA GLY D 30 -22.33 18.39 19.23
C GLY D 30 -21.40 18.09 20.38
N ALA D 31 -20.12 17.83 20.10
CA ALA D 31 -19.19 17.43 21.15
C ALA D 31 -18.78 18.59 22.03
N THR D 32 -18.47 18.29 23.29
CA THR D 32 -17.69 19.19 24.11
C THR D 32 -16.24 19.04 23.63
N VAL D 33 -15.64 20.14 23.21
CA VAL D 33 -14.31 20.08 22.61
C VAL D 33 -13.24 20.77 23.45
N ILE D 34 -12.16 20.04 23.73
CA ILE D 34 -11.00 20.62 24.39
C ILE D 34 -10.00 21.04 23.32
N VAL D 35 -9.81 22.36 23.21
CA VAL D 35 -8.90 22.95 22.26
C VAL D 35 -7.55 23.09 22.95
N SER D 36 -6.60 22.22 22.62
CA SER D 36 -5.31 22.25 23.30
C SER D 36 -4.19 22.61 22.34
N ASP D 37 -3.25 23.42 22.80
CA ASP D 37 -2.14 23.83 21.97
C ASP D 37 -1.03 24.31 22.90
N ILE D 38 0.21 24.25 22.43
CA ILE D 38 1.30 24.79 23.22
C ILE D 38 1.24 26.31 23.22
N ASN D 39 0.61 26.86 22.18
CA ASN D 39 0.37 28.30 22.09
C ASN D 39 -0.93 28.61 22.84
N ALA D 40 -0.79 29.04 24.11
CA ALA D 40 -1.97 29.22 24.96
C ALA D 40 -2.86 30.35 24.46
N GLU D 41 -2.24 31.42 23.98
CA GLU D 41 -2.98 32.56 23.45
C GLU D 41 -3.81 32.12 22.25
N GLY D 42 -3.19 31.38 21.36
CA GLY D 42 -3.88 30.83 20.19
C GLY D 42 -5.01 29.88 20.56
N ALA D 43 -4.78 29.01 21.54
CA ALA D 43 -5.83 28.08 21.97
C ALA D 43 -7.03 28.86 22.49
N LYS D 44 -6.75 29.90 23.27
CA LYS D 44 -7.85 30.73 23.77
C LYS D 44 -8.63 31.39 22.63
N ALA D 45 -7.92 31.91 21.63
CA ALA D 45 -8.58 32.55 20.48
C ALA D 45 -9.41 31.55 19.70
N ALA D 46 -8.85 30.36 19.46
CA ALA D 46 -9.57 29.31 18.76
C ALA D 46 -10.84 28.87 19.50
N ALA D 47 -10.73 28.65 20.80
CA ALA D 47 -11.91 28.25 21.57
C ALA D 47 -12.98 29.36 21.50
N ALA D 48 -12.53 30.61 21.55
CA ALA D 48 -13.47 31.73 21.51
C ALA D 48 -14.16 31.81 20.15
N SER D 49 -13.45 31.44 19.10
CA SER D 49 -14.02 31.45 17.75
C SER D 49 -15.07 30.36 17.60
N ILE D 50 -14.92 29.28 18.37
CA ILE D 50 -15.87 28.17 18.27
C ILE D 50 -17.09 28.39 19.17
N GLY D 51 -16.87 28.91 20.36
CA GLY D 51 -18.00 29.21 21.24
C GLY D 51 -18.11 28.33 22.46
N LYS D 52 -19.32 28.23 23.01
CA LYS D 52 -19.48 27.65 24.35
C LYS D 52 -19.18 26.16 24.44
N LYS D 53 -19.13 25.47 23.31
CA LYS D 53 -18.82 24.04 23.35
C LYS D 53 -17.32 23.80 23.48
N ALA D 54 -16.52 24.85 23.29
CA ALA D 54 -15.06 24.69 23.29
C ALA D 54 -14.41 25.28 24.53
N ARG D 55 -13.41 24.58 25.05
CA ARG D 55 -12.61 25.09 26.17
C ARG D 55 -11.13 24.94 25.86
N ALA D 56 -10.38 26.03 25.99
CA ALA D 56 -8.92 26.00 25.76
C ALA D 56 -8.18 25.48 26.98
N ILE D 57 -7.32 24.49 26.78
CA ILE D 57 -6.41 24.03 27.82
C ILE D 57 -5.05 23.82 27.17
N ALA D 58 -4.09 24.67 27.53
CA ALA D 58 -2.77 24.65 26.91
C ALA D 58 -1.97 23.43 27.35
N ALA D 59 -1.18 22.89 26.43
CA ALA D 59 -0.29 21.78 26.74
C ALA D 59 0.78 21.66 25.68
N ASP D 60 1.97 21.21 26.09
CA ASP D 60 3.04 20.85 25.16
C ASP D 60 2.99 19.34 25.06
N ILE D 61 2.62 18.80 23.89
CA ILE D 61 2.45 17.36 23.79
C ILE D 61 3.73 16.55 24.03
N SER D 62 4.89 17.19 23.93
CA SER D 62 6.17 16.50 24.11
C SER D 62 6.61 16.46 25.58
N ASP D 63 5.83 17.12 26.43
CA ASP D 63 6.16 17.24 27.85
C ASP D 63 5.18 16.40 28.66
N PRO D 64 5.65 15.27 29.24
CA PRO D 64 4.76 14.30 29.90
C PRO D 64 3.99 14.93 31.05
N GLY D 65 4.65 15.83 31.79
CA GLY D 65 4.00 16.51 32.89
C GLY D 65 2.90 17.47 32.42
N SER D 66 3.17 18.18 31.34
CA SER D 66 2.19 19.09 30.77
C SER D 66 0.97 18.30 30.29
N VAL D 67 1.23 17.14 29.69
CA VAL D 67 0.14 16.30 29.21
C VAL D 67 -0.65 15.68 30.37
N LYS D 68 0.04 15.31 31.45
CA LYS D 68 -0.67 14.80 32.62
C LYS D 68 -1.64 15.83 33.17
N ALA D 69 -1.18 17.09 33.27
CA ALA D 69 -2.01 18.17 33.78
C ALA D 69 -3.20 18.42 32.88
N LEU D 70 -2.97 18.33 31.58
CA LEU D 70 -4.05 18.49 30.60
C LEU D 70 -5.17 17.47 30.85
N PHE D 71 -4.80 16.19 30.94
CA PHE D 71 -5.81 15.16 31.14
C PHE D 71 -6.46 15.19 32.52
N ALA D 72 -5.72 15.64 33.53
CA ALA D 72 -6.32 15.78 34.85
C ALA D 72 -7.42 16.82 34.81
N GLU D 73 -7.16 17.94 34.13
CA GLU D 73 -8.17 18.98 34.01
C GLU D 73 -9.37 18.53 33.17
N ILE D 74 -9.12 17.81 32.07
CA ILE D 74 -10.22 17.25 31.30
C ILE D 74 -11.07 16.27 32.13
N GLN D 75 -10.43 15.43 32.91
CA GLN D 75 -11.16 14.47 33.74
C GLN D 75 -12.09 15.18 34.73
N ALA D 76 -11.57 16.23 35.37
CA ALA D 76 -12.36 17.00 36.34
C ALA D 76 -13.56 17.70 35.71
N LEU D 77 -13.38 18.13 34.46
CA LEU D 77 -14.41 18.91 33.77
C LEU D 77 -15.49 18.06 33.12
N THR D 78 -15.11 16.88 32.63
CA THR D 78 -15.97 16.12 31.72
C THR D 78 -16.14 14.65 32.07
N GLY D 79 -15.28 14.11 32.92
CA GLY D 79 -15.29 12.69 33.19
C GLY D 79 -14.44 11.85 32.24
N GLY D 80 -13.76 12.51 31.31
CA GLY D 80 -12.84 11.82 30.42
C GLY D 80 -13.21 11.93 28.95
N ILE D 81 -12.20 11.86 28.08
CA ILE D 81 -12.44 11.98 26.65
C ILE D 81 -13.03 10.70 26.06
N ASP D 82 -13.84 10.90 25.02
CA ASP D 82 -14.36 9.82 24.19
C ASP D 82 -13.55 9.74 22.90
N ILE D 83 -13.06 10.90 22.47
CA ILE D 83 -12.41 11.06 21.17
C ILE D 83 -11.09 11.79 21.32
N LEU D 84 -10.00 11.23 20.78
CA LEU D 84 -8.71 11.91 20.76
C LEU D 84 -8.28 12.19 19.33
N VAL D 85 -8.02 13.47 19.01
CA VAL D 85 -7.46 13.79 17.71
C VAL D 85 -6.02 14.28 17.90
N ASN D 86 -5.06 13.45 17.48
CA ASN D 86 -3.64 13.82 17.55
C ASN D 86 -3.28 14.64 16.33
N ASN D 87 -3.37 15.96 16.48
CA ASN D 87 -3.14 16.86 15.37
C ASN D 87 -1.86 17.71 15.49
N ALA D 88 -1.43 18.01 16.72
CA ALA D 88 -0.23 18.81 16.93
C ALA D 88 0.99 18.21 16.23
N SER D 89 1.76 19.08 15.58
CA SER D 89 3.06 18.70 15.01
C SER D 89 3.77 19.97 14.57
N ILE D 90 5.10 19.90 14.43
CA ILE D 90 5.84 20.93 13.73
C ILE D 90 5.90 20.55 12.26
N VAL D 91 5.64 21.51 11.37
CA VAL D 91 5.71 21.27 9.92
C VAL D 91 6.87 22.06 9.37
N PRO D 92 8.03 21.40 9.22
CA PRO D 92 9.25 22.11 8.85
C PRO D 92 9.46 22.23 7.34
N PHE D 93 10.29 23.18 6.94
CA PHE D 93 10.82 23.24 5.59
C PHE D 93 12.33 23.28 5.76
N VAL D 94 12.99 22.16 5.52
CA VAL D 94 14.41 22.05 5.79
CA VAL D 94 14.42 22.07 5.78
C VAL D 94 15.12 21.24 4.72
N ALA D 95 16.06 21.87 4.02
CA ALA D 95 16.81 21.16 2.99
C ALA D 95 17.54 19.97 3.64
N TRP D 96 17.67 18.87 2.89
CA TRP D 96 18.29 17.67 3.45
C TRP D 96 19.63 17.98 4.16
N ASP D 97 20.47 18.79 3.53
CA ASP D 97 21.77 19.04 4.14
C ASP D 97 21.70 19.89 5.41
N ASP D 98 20.51 20.42 5.70
CA ASP D 98 20.27 21.13 6.95
C ASP D 98 19.59 20.26 8.00
N VAL D 99 19.32 19.01 7.66
CA VAL D 99 18.73 18.08 8.62
C VAL D 99 19.83 17.47 9.48
N ASP D 100 20.13 18.12 10.59
CA ASP D 100 21.10 17.58 11.55
C ASP D 100 20.38 16.88 12.70
N LEU D 101 21.16 16.32 13.62
CA LEU D 101 20.58 15.55 14.71
C LEU D 101 19.66 16.40 15.61
N ASP D 102 20.04 17.65 15.85
CA ASP D 102 19.22 18.52 16.68
CA ASP D 102 19.22 18.51 16.69
C ASP D 102 17.84 18.66 16.07
N HIS D 103 17.80 18.92 14.76
CA HIS D 103 16.54 19.10 14.06
C HIS D 103 15.75 17.80 14.08
N TRP D 104 16.43 16.71 13.72
CA TRP D 104 15.79 15.40 13.71
C TRP D 104 15.15 15.09 15.06
N ARG D 105 15.91 15.27 16.14
CA ARG D 105 15.40 14.90 17.46
C ARG D 105 14.18 15.73 17.81
N LYS D 106 14.19 17.00 17.44
CA LYS D 106 13.08 17.90 17.79
C LYS D 106 11.80 17.49 17.08
N ILE D 107 11.90 17.22 15.79
CA ILE D 107 10.73 16.79 15.01
C ILE D 107 10.21 15.43 15.49
N ILE D 108 11.12 14.49 15.72
CA ILE D 108 10.71 13.20 16.26
C ILE D 108 10.06 13.35 17.64
N ASP D 109 10.66 14.19 18.49
CA ASP D 109 10.18 14.34 19.86
CA ASP D 109 10.19 14.36 19.86
C ASP D 109 8.75 14.87 19.92
N VAL D 110 8.46 15.89 19.12
CA VAL D 110 7.12 16.45 19.13
C VAL D 110 6.15 15.59 18.30
N ASN D 111 6.48 15.40 17.03
CA ASN D 111 5.52 14.81 16.10
C ASN D 111 5.22 13.34 16.33
N LEU D 112 6.22 12.59 16.80
CA LEU D 112 6.06 11.16 17.02
C LEU D 112 5.93 10.84 18.50
N THR D 113 6.94 11.21 19.28
CA THR D 113 6.89 10.88 20.70
C THR D 113 5.77 11.61 21.42
N GLY D 114 5.52 12.86 21.06
CA GLY D 114 4.43 13.61 21.68
C GLY D 114 3.11 12.93 21.39
N THR D 115 2.99 12.39 20.18
CA THR D 115 1.79 11.64 19.82
C THR D 115 1.62 10.42 20.73
N PHE D 116 2.71 9.72 21.03
CA PHE D 116 2.65 8.64 21.99
C PHE D 116 2.24 9.14 23.39
N ILE D 117 2.87 10.20 23.85
CA ILE D 117 2.60 10.72 25.20
C ILE D 117 1.10 10.99 25.38
N VAL D 118 0.52 11.70 24.42
CA VAL D 118 -0.88 12.09 24.47
C VAL D 118 -1.78 10.86 24.36
N THR D 119 -1.42 9.95 23.45
CA THR D 119 -2.21 8.74 23.23
C THR D 119 -2.20 7.78 24.44
N ARG D 120 -1.03 7.61 25.04
CA ARG D 120 -0.88 6.84 26.27
C ARG D 120 -1.86 7.36 27.32
N ALA D 121 -1.74 8.64 27.63
CA ALA D 121 -2.59 9.26 28.65
C ALA D 121 -4.07 9.24 28.25
N GLY D 122 -4.36 9.58 26.99
CA GLY D 122 -5.75 9.68 26.55
C GLY D 122 -6.49 8.36 26.51
N THR D 123 -5.85 7.33 25.98
CA THR D 123 -6.49 6.02 25.93
C THR D 123 -6.58 5.38 27.31
N ASP D 124 -5.61 5.69 28.17
CA ASP D 124 -5.71 5.21 29.56
C ASP D 124 -6.94 5.85 30.20
N GLN D 125 -7.17 7.12 29.88
CA GLN D 125 -8.33 7.84 30.42
C GLN D 125 -9.64 7.25 29.91
N MET D 126 -9.72 6.94 28.61
CA MET D 126 -10.91 6.29 28.06
C MET D 126 -11.18 4.99 28.78
N ARG D 127 -10.13 4.17 28.91
CA ARG D 127 -10.30 2.86 29.54
C ARG D 127 -10.75 2.98 30.99
N ALA D 128 -10.19 3.93 31.72
CA ALA D 128 -10.54 4.09 33.13
C ALA D 128 -11.99 4.53 33.29
N ALA D 129 -12.51 5.20 32.27
CA ALA D 129 -13.89 5.69 32.30
C ALA D 129 -14.85 4.72 31.64
N GLY D 130 -14.36 3.52 31.34
CA GLY D 130 -15.15 2.50 30.67
C GLY D 130 -15.76 3.00 29.37
N LYS D 131 -15.03 3.86 28.66
CA LYS D 131 -15.55 4.44 27.45
C LYS D 131 -15.07 3.74 26.19
N ALA D 132 -16.00 3.43 25.31
CA ALA D 132 -15.62 3.10 23.95
C ALA D 132 -14.98 4.39 23.49
N GLY D 133 -13.99 4.30 22.62
CA GLY D 133 -13.28 5.50 22.23
C GLY D 133 -12.80 5.49 20.78
N ARG D 134 -12.33 6.65 20.34
CA ARG D 134 -11.80 6.83 19.00
C ARG D 134 -10.49 7.58 19.08
N VAL D 135 -9.42 6.98 18.53
CA VAL D 135 -8.17 7.71 18.36
C VAL D 135 -8.02 7.99 16.88
N ILE D 136 -7.81 9.26 16.55
CA ILE D 136 -7.62 9.67 15.17
C ILE D 136 -6.36 10.52 15.11
N SER D 137 -5.36 10.06 14.36
CA SER D 137 -4.07 10.77 14.30
C SER D 137 -3.83 11.35 12.91
N ILE D 138 -3.42 12.61 12.88
CA ILE D 138 -3.14 13.27 11.62
C ILE D 138 -1.70 12.99 11.22
N ALA D 139 -1.54 12.22 10.15
CA ALA D 139 -0.22 11.96 9.60
C ALA D 139 0.00 12.95 8.44
N SER D 140 0.37 12.46 7.27
CA SER D 140 0.68 13.30 6.11
C SER D 140 0.84 12.45 4.87
N ASN D 141 0.33 12.90 3.73
CA ASN D 141 0.55 12.14 2.50
C ASN D 141 1.98 12.20 2.00
N THR D 142 2.84 12.99 2.66
CA THR D 142 4.26 12.97 2.35
C THR D 142 4.84 11.58 2.60
N PHE D 143 4.20 10.82 3.49
CA PHE D 143 4.63 9.45 3.74
C PHE D 143 4.52 8.60 2.47
N PHE D 144 3.52 8.89 1.64
CA PHE D 144 3.32 8.14 0.40
C PHE D 144 4.19 8.70 -0.72
N ALA D 145 4.37 10.02 -0.73
CA ALA D 145 5.02 10.70 -1.85
C ALA D 145 6.53 10.81 -1.72
N GLY D 146 7.04 10.72 -0.49
CA GLY D 146 8.45 10.94 -0.23
C GLY D 146 8.87 12.37 -0.49
N THR D 147 7.97 13.30 -0.15
CA THR D 147 8.17 14.74 -0.35
C THR D 147 9.51 15.25 0.17
N PRO D 148 10.20 16.10 -0.61
CA PRO D 148 11.52 16.60 -0.19
C PRO D 148 11.42 17.75 0.83
N ASN D 149 12.56 18.10 1.42
CA ASN D 149 12.67 19.20 2.39
C ASN D 149 11.95 18.94 3.72
N MET D 150 11.70 17.67 4.03
CA MET D 150 10.98 17.35 5.25
C MET D 150 11.41 16.01 5.80
N ALA D 151 12.68 15.63 5.67
CA ALA D 151 13.04 14.22 5.92
C ALA D 151 12.66 13.69 7.31
N ALA D 152 12.92 14.48 8.35
CA ALA D 152 12.62 14.02 9.71
C ALA D 152 11.11 13.95 9.92
N TYR D 153 10.40 14.90 9.32
CA TYR D 153 8.94 14.94 9.39
C TYR D 153 8.31 13.73 8.71
N VAL D 154 8.81 13.36 7.53
CA VAL D 154 8.25 12.18 6.86
C VAL D 154 8.49 10.92 7.69
N ALA D 155 9.67 10.81 8.30
CA ALA D 155 9.96 9.71 9.21
C ALA D 155 8.98 9.72 10.36
N ALA D 156 8.78 10.88 10.99
CA ALA D 156 7.88 10.95 12.13
C ALA D 156 6.45 10.54 11.74
N LYS D 157 6.01 11.00 10.58
CA LYS D 157 4.64 10.68 10.16
C LYS D 157 4.49 9.19 9.79
N GLY D 158 5.55 8.58 9.27
CA GLY D 158 5.54 7.14 9.05
C GLY D 158 5.42 6.43 10.39
N GLY D 159 6.08 6.99 11.40
CA GLY D 159 6.00 6.46 12.74
C GLY D 159 4.59 6.54 13.29
N VAL D 160 3.89 7.63 13.01
CA VAL D 160 2.52 7.78 13.46
C VAL D 160 1.60 6.75 12.79
N ILE D 161 1.83 6.48 11.51
CA ILE D 161 1.06 5.43 10.83
C ILE D 161 1.36 4.05 11.44
N GLY D 162 2.63 3.74 11.66
CA GLY D 162 3.00 2.48 12.31
C GLY D 162 2.38 2.33 13.68
N PHE D 163 2.49 3.39 14.49
CA PHE D 163 1.92 3.42 15.82
C PHE D 163 0.41 3.15 15.76
N THR D 164 -0.26 3.80 14.81
CA THR D 164 -1.70 3.65 14.66
C THR D 164 -2.08 2.19 14.38
N ARG D 165 -1.30 1.55 13.52
CA ARG D 165 -1.57 0.16 13.16
C ARG D 165 -1.39 -0.78 14.35
N ALA D 166 -0.32 -0.59 15.12
CA ALA D 166 -0.12 -1.39 16.32
C ALA D 166 -1.16 -1.08 17.38
N LEU D 167 -1.48 0.19 17.55
CA LEU D 167 -2.43 0.63 18.58
C LEU D 167 -3.81 0.01 18.32
N ALA D 168 -4.18 -0.11 17.06
CA ALA D 168 -5.48 -0.68 16.72
C ALA D 168 -5.54 -2.12 17.25
N THR D 169 -4.44 -2.85 17.11
CA THR D 169 -4.37 -4.20 17.64
C THR D 169 -4.43 -4.23 19.15
N GLU D 170 -3.72 -3.33 19.81
CA GLU D 170 -3.67 -3.31 21.26
C GLU D 170 -4.98 -2.91 21.93
N LEU D 171 -5.74 -2.03 21.28
CA LEU D 171 -6.90 -1.41 21.95
C LEU D 171 -8.26 -1.93 21.50
N GLY D 172 -8.28 -2.76 20.46
CA GLY D 172 -9.54 -3.28 19.95
C GLY D 172 -10.34 -3.98 21.04
N LYS D 173 -9.62 -4.68 21.90
CA LYS D 173 -10.25 -5.40 23.01
C LYS D 173 -10.94 -4.47 24.01
N TYR D 174 -10.61 -3.18 23.99
CA TYR D 174 -11.23 -2.21 24.90
C TYR D 174 -12.26 -1.35 24.17
N ASN D 175 -12.64 -1.79 22.99
CA ASN D 175 -13.60 -1.08 22.16
C ASN D 175 -13.12 0.31 21.80
N ILE D 176 -11.81 0.41 21.55
CA ILE D 176 -11.23 1.68 21.09
C ILE D 176 -10.64 1.47 19.70
N THR D 177 -11.03 2.32 18.75
CA THR D 177 -10.46 2.23 17.41
C THR D 177 -9.35 3.26 17.24
N ALA D 178 -8.44 2.98 16.32
CA ALA D 178 -7.29 3.85 16.08
C ALA D 178 -7.07 3.93 14.58
N ASN D 179 -7.29 5.12 14.00
CA ASN D 179 -7.08 5.34 12.57
C ASN D 179 -6.22 6.58 12.34
N ALA D 180 -5.72 6.72 11.11
CA ALA D 180 -4.94 7.89 10.74
C ALA D 180 -5.52 8.55 9.50
N VAL D 181 -5.30 9.85 9.39
CA VAL D 181 -5.66 10.59 8.18
C VAL D 181 -4.36 11.13 7.59
N THR D 182 -4.19 11.01 6.28
CA THR D 182 -3.06 11.66 5.62
C THR D 182 -3.55 12.82 4.75
N PRO D 183 -3.49 14.04 5.27
CA PRO D 183 -3.85 15.17 4.39
C PRO D 183 -2.79 15.35 3.31
N GLY D 184 -3.21 15.89 2.17
CA GLY D 184 -2.26 16.43 1.21
C GLY D 184 -1.98 17.86 1.63
N LEU D 185 -1.37 18.64 0.74
CA LEU D 185 -1.04 20.03 1.08
C LEU D 185 -2.32 20.83 1.35
N ILE D 186 -2.36 21.49 2.51
CA ILE D 186 -3.54 22.22 2.95
C ILE D 186 -3.17 23.66 3.25
N GLU D 187 -4.02 24.58 2.80
CA GLU D 187 -3.77 26.02 2.98
C GLU D 187 -4.09 26.44 4.42
N SER D 188 -3.34 25.89 5.37
CA SER D 188 -3.51 26.21 6.78
C SER D 188 -2.75 27.49 7.11
N ASP D 189 -3.05 28.06 8.27
CA ASP D 189 -2.31 29.19 8.79
C ASP D 189 -0.79 28.92 8.72
N GLY D 190 -0.38 27.73 9.15
CA GLY D 190 1.03 27.36 9.18
C GLY D 190 1.67 27.24 7.81
N VAL D 191 0.97 26.59 6.88
CA VAL D 191 1.49 26.49 5.52
C VAL D 191 1.62 27.86 4.85
N LYS D 192 0.63 28.72 5.05
CA LYS D 192 0.65 30.05 4.43
C LYS D 192 1.87 30.87 4.87
N ALA D 193 2.40 30.57 6.05
CA ALA D 193 3.52 31.32 6.60
C ALA D 193 4.85 30.60 6.37
N SER D 194 4.89 29.69 5.40
CA SER D 194 6.03 28.80 5.18
CA SER D 194 6.07 28.86 5.17
C SER D 194 6.35 28.70 3.69
N PRO D 195 7.57 28.23 3.35
CA PRO D 195 7.87 28.04 1.93
C PRO D 195 6.98 26.97 1.29
N HIS D 196 6.34 26.15 2.11
CA HIS D 196 5.41 25.17 1.56
C HIS D 196 4.26 25.82 0.84
N ASN D 197 4.00 27.09 1.14
CA ASN D 197 2.93 27.79 0.43
C ASN D 197 3.18 27.86 -1.07
N GLU D 198 4.44 27.82 -1.48
CA GLU D 198 4.76 27.91 -2.90
CA GLU D 198 4.80 27.90 -2.89
C GLU D 198 4.62 26.58 -3.63
N ALA D 199 4.27 25.52 -2.89
CA ALA D 199 4.09 24.20 -3.50
C ALA D 199 2.71 24.02 -4.10
N PHE D 200 1.81 24.99 -3.88
CA PHE D 200 0.44 24.80 -4.34
C PHE D 200 0.28 24.62 -5.83
N GLY D 201 1.04 25.35 -6.64
CA GLY D 201 0.92 25.19 -8.08
C GLY D 201 1.22 23.78 -8.55
N PHE D 202 2.36 23.24 -8.13
CA PHE D 202 2.79 21.90 -8.50
C PHE D 202 1.80 20.87 -7.95
N VAL D 203 1.43 21.00 -6.69
CA VAL D 203 0.48 20.05 -6.10
C VAL D 203 -0.88 20.08 -6.79
N GLU D 204 -1.41 21.27 -7.04
CA GLU D 204 -2.72 21.35 -7.68
C GLU D 204 -2.68 20.72 -9.08
N MET D 205 -1.57 20.89 -9.79
CA MET D 205 -1.44 20.28 -11.11
C MET D 205 -1.42 18.75 -11.05
N LEU D 206 -0.97 18.20 -9.92
CA LEU D 206 -0.90 16.75 -9.77
C LEU D 206 -2.19 16.19 -9.18
N GLN D 207 -3.01 17.05 -8.58
CA GLN D 207 -4.30 16.62 -8.04
C GLN D 207 -5.25 16.21 -9.17
N ALA D 208 -6.16 15.27 -8.88
CA ALA D 208 -7.26 14.99 -9.81
C ALA D 208 -8.33 16.09 -9.78
N MET D 209 -8.58 16.67 -8.61
CA MET D 209 -9.57 17.73 -8.42
CA MET D 209 -9.54 17.74 -8.54
C MET D 209 -8.86 19.06 -8.30
N LYS D 210 -9.51 20.14 -8.75
CA LYS D 210 -8.97 21.49 -8.71
CA LYS D 210 -8.83 21.42 -8.66
C LYS D 210 -9.11 22.13 -7.33
N GLY D 211 -8.28 23.13 -7.07
CA GLY D 211 -8.39 23.91 -5.86
C GLY D 211 -7.28 23.63 -4.87
N LYS D 212 -7.05 24.59 -3.98
CA LYS D 212 -6.15 24.39 -2.86
C LYS D 212 -6.91 23.70 -1.74
N GLY D 213 -6.29 22.68 -1.16
CA GLY D 213 -6.87 21.99 -0.02
C GLY D 213 -7.07 22.96 1.13
N GLN D 214 -8.18 22.78 1.84
CA GLN D 214 -8.55 23.65 2.97
C GLN D 214 -8.64 22.86 4.26
N PRO D 215 -8.45 23.55 5.40
CA PRO D 215 -8.59 22.87 6.69
C PRO D 215 -9.92 22.11 6.83
N GLU D 216 -11.01 22.68 6.30
CA GLU D 216 -12.32 22.04 6.38
C GLU D 216 -12.39 20.71 5.66
N HIS D 217 -11.58 20.56 4.61
CA HIS D 217 -11.54 19.29 3.87
C HIS D 217 -11.09 18.15 4.76
N ILE D 218 -10.20 18.45 5.69
CA ILE D 218 -9.71 17.45 6.62
C ILE D 218 -10.66 17.33 7.82
N ALA D 219 -11.12 18.47 8.32
CA ALA D 219 -12.03 18.46 9.46
C ALA D 219 -13.26 17.58 9.20
N ASP D 220 -13.77 17.63 7.98
CA ASP D 220 -15.03 16.96 7.69
C ASP D 220 -14.82 15.45 7.61
N VAL D 221 -13.58 15.04 7.32
CA VAL D 221 -13.24 13.63 7.29
C VAL D 221 -13.03 13.12 8.72
N VAL D 222 -12.40 13.93 9.55
CA VAL D 222 -12.23 13.59 10.95
C VAL D 222 -13.59 13.46 11.63
N SER D 223 -14.53 14.31 11.24
CA SER D 223 -15.91 14.18 11.73
C SER D 223 -16.46 12.77 11.51
N PHE D 224 -16.31 12.27 10.28
CA PHE D 224 -16.74 10.92 9.96
C PHE D 224 -16.02 9.89 10.84
N LEU D 225 -14.70 10.00 10.93
CA LEU D 225 -13.94 9.04 11.73
C LEU D 225 -14.26 9.07 13.22
N ALA D 226 -14.77 10.20 13.70
CA ALA D 226 -15.18 10.30 15.11
C ALA D 226 -16.59 9.76 15.36
N SER D 227 -17.32 9.50 14.27
CA SER D 227 -18.73 9.12 14.34
C SER D 227 -18.96 7.62 14.35
N ASP D 228 -20.20 7.23 14.65
CA ASP D 228 -20.51 5.81 14.68
CA ASP D 228 -20.58 5.83 14.68
C ASP D 228 -20.50 5.22 13.28
N ASP D 229 -20.55 6.06 12.26
CA ASP D 229 -20.50 5.55 10.89
C ASP D 229 -19.18 4.85 10.56
N ALA D 230 -18.14 5.15 11.34
CA ALA D 230 -16.80 4.59 11.12
C ALA D 230 -16.50 3.46 12.11
N ARG D 231 -17.53 2.96 12.79
CA ARG D 231 -17.34 2.00 13.88
C ARG D 231 -16.63 0.70 13.50
N TRP D 232 -16.69 0.31 12.23
CA TRP D 232 -16.04 -0.95 11.81
C TRP D 232 -14.65 -0.72 11.23
N ILE D 233 -14.19 0.54 11.26
CA ILE D 233 -12.89 0.88 10.72
C ILE D 233 -11.88 1.00 11.86
N THR D 234 -10.83 0.19 11.83
CA THR D 234 -9.76 0.37 12.79
C THR D 234 -8.43 -0.09 12.21
N GLY D 235 -7.38 0.66 12.51
CA GLY D 235 -6.06 0.37 12.02
C GLY D 235 -5.79 0.89 10.62
N GLN D 236 -6.67 1.73 10.11
CA GLN D 236 -6.61 2.14 8.72
C GLN D 236 -6.12 3.58 8.56
N THR D 237 -5.71 3.91 7.33
CA THR D 237 -5.22 5.25 7.01
C THR D 237 -6.02 5.76 5.83
N LEU D 238 -6.67 6.90 6.04
CA LEU D 238 -7.51 7.49 5.00
CA LEU D 238 -7.51 7.50 5.00
C LEU D 238 -6.81 8.71 4.43
N ASN D 239 -6.53 8.68 3.13
CA ASN D 239 -5.78 9.73 2.44
C ASN D 239 -6.73 10.78 1.83
N VAL D 240 -6.49 12.04 2.18
CA VAL D 240 -7.42 13.13 1.83
C VAL D 240 -6.62 14.24 1.14
N ASP D 241 -6.53 14.18 -0.17
CA ASP D 241 -5.57 15.02 -0.90
C ASP D 241 -6.01 15.33 -2.33
N ALA D 242 -7.31 15.25 -2.60
CA ALA D 242 -7.83 15.49 -3.94
C ALA D 242 -7.15 14.64 -5.01
N GLY D 243 -6.60 13.50 -4.61
CA GLY D 243 -5.99 12.61 -5.56
C GLY D 243 -4.51 12.81 -5.90
N MET D 244 -3.76 13.59 -5.13
CA MET D 244 -2.33 13.67 -5.44
C MET D 244 -1.64 12.30 -5.44
N VAL D 245 -1.93 11.46 -4.45
CA VAL D 245 -1.47 10.07 -4.52
C VAL D 245 -2.68 9.14 -4.38
N ARG D 246 -2.46 7.84 -4.59
CA ARG D 246 -3.56 6.88 -4.49
CA ARG D 246 -3.54 6.84 -4.53
C ARG D 246 -3.26 5.82 -3.42
N HIS D 247 -4.10 5.80 -2.41
CA HIS D 247 -4.01 4.85 -1.30
C HIS D 247 -5.38 4.21 -1.18
#